data_7H81
#
_entry.id   7H81
#
_cell.length_a   87.261
_cell.length_b   87.261
_cell.length_c   85.392
_cell.angle_alpha   90.00
_cell.angle_beta   90.00
_cell.angle_gamma   120.00
#
_symmetry.space_group_name_H-M   'P 31'
#
loop_
_entity.id
_entity.type
_entity.pdbx_description
1 polymer 'Non-structural protein 3'
2 non-polymer 'DIMETHYL SULFOXIDE'
3 non-polymer 2-AMINO-2-HYDROXYMETHYL-PROPANE-1,3-DIOL
4 non-polymer 'CHLORIDE ION'
5 non-polymer pyrrolidin-2-one
6 water water
#
_entity_poly.entity_id   1
_entity_poly.type   'polypeptide(L)'
_entity_poly.pdbx_seq_one_letter_code
;GAMAPSYRVKRMDIAKNDEECVVNAANPRGLPGDGVCKAVYKKWPESFKNSATPVGTAKTVMCGTYPVIHAVGPNFSNYT
ESEGDRELAAAYREVAKEVTRLGVNSVAIPLLSTGVYSGGKDRLTQSLNHLFTAMDSTDADVVIYCRDKEWEKKISEAIQ
MRT
;
_entity_poly.pdbx_strand_id   A,B,C,D
#
loop_
_chem_comp.id
_chem_comp.type
_chem_comp.name
_chem_comp.formula
BAQ non-polymer pyrrolidin-2-one 'C4 H7 N O'
CL non-polymer 'CHLORIDE ION' 'Cl -1'
DMS non-polymer 'DIMETHYL SULFOXIDE' 'C2 H6 O S'
TRS non-polymer 2-AMINO-2-HYDROXYMETHYL-PROPANE-1,3-DIOL 'C4 H12 N O3 1'
#
# COMPACT_ATOMS: atom_id res chain seq x y z
N GLY A 1 5.49 -17.20 -16.76
CA GLY A 1 7.00 -17.26 -16.85
C GLY A 1 7.56 -16.03 -17.52
N ALA A 2 8.85 -15.72 -17.32
CA ALA A 2 9.55 -14.64 -18.06
C ALA A 2 9.79 -15.09 -19.51
N MET A 3 9.75 -14.17 -20.49
CA MET A 3 9.95 -14.54 -21.92
C MET A 3 11.34 -15.18 -22.11
N ALA A 4 12.36 -14.67 -21.43
CA ALA A 4 13.74 -15.19 -21.52
C ALA A 4 14.33 -15.19 -20.12
N PRO A 5 13.95 -16.20 -19.31
CA PRO A 5 14.31 -16.21 -17.89
C PRO A 5 15.83 -15.93 -17.73
N SER A 6 16.16 -15.02 -16.82
CA SER A 6 17.51 -14.50 -16.59
C SER A 6 17.86 -14.52 -15.11
N TYR A 7 19.17 -14.38 -14.84
CA TYR A 7 19.69 -14.01 -13.53
C TYR A 7 20.35 -12.64 -13.64
N ARG A 8 20.17 -11.82 -12.62
CA ARG A 8 20.82 -10.52 -12.51
C ARG A 8 21.23 -10.35 -11.06
N VAL A 9 22.16 -9.44 -10.84
CA VAL A 9 22.56 -9.05 -9.47
C VAL A 9 22.52 -7.55 -9.35
N LYS A 10 22.06 -7.08 -8.19
CA LYS A 10 22.07 -5.66 -7.85
C LYS A 10 22.62 -5.49 -6.45
N ARG A 11 23.37 -4.41 -6.30
CA ARG A 11 23.95 -4.06 -5.00
C ARG A 11 23.08 -2.95 -4.43
N MET A 12 22.11 -3.35 -3.62
CA MET A 12 21.21 -2.41 -2.95
C MET A 12 20.33 -3.20 -2.00
N ASP A 13 19.56 -2.46 -1.23
CA ASP A 13 18.62 -3.02 -0.23
C ASP A 13 17.52 -3.79 -0.95
N ILE A 14 17.36 -5.09 -0.65
CA ILE A 14 16.27 -5.95 -1.22
C ILE A 14 14.88 -5.42 -0.84
N ALA A 15 14.75 -4.62 0.22
CA ALA A 15 13.47 -3.96 0.58
C ALA A 15 13.01 -2.96 -0.49
N LYS A 16 13.86 -2.56 -1.42
CA LYS A 16 13.56 -1.60 -2.51
C LYS A 16 13.51 -2.32 -3.87
N ASN A 17 13.32 -3.64 -3.88
CA ASN A 17 13.40 -4.46 -5.11
C ASN A 17 12.29 -4.06 -6.10
N ASP A 18 12.49 -4.39 -7.38
CA ASP A 18 11.56 -4.13 -8.48
C ASP A 18 11.01 -5.45 -9.01
N GLU A 19 10.87 -6.45 -8.15
CA GLU A 19 10.38 -7.79 -8.55
C GLU A 19 8.98 -8.05 -7.98
N GLU A 20 8.36 -9.11 -8.46
CA GLU A 20 6.95 -9.41 -8.11
C GLU A 20 6.80 -10.06 -6.73
N CYS A 21 7.91 -10.47 -6.13
CA CYS A 21 7.92 -11.09 -4.79
C CYS A 21 9.35 -11.08 -4.26
N VAL A 22 9.46 -11.24 -2.96
CA VAL A 22 10.75 -11.18 -2.27
C VAL A 22 10.98 -12.45 -1.49
N VAL A 23 12.25 -12.87 -1.39
CA VAL A 23 12.64 -13.92 -0.44
C VAL A 23 13.30 -13.22 0.75
N ASN A 24 12.78 -13.46 1.95
CA ASN A 24 13.39 -13.02 3.20
C ASN A 24 14.41 -14.06 3.65
N ALA A 25 15.57 -13.62 4.12
CA ALA A 25 16.55 -14.45 4.83
C ALA A 25 16.04 -14.49 6.27
N ALA A 26 15.03 -15.29 6.49
CA ALA A 26 14.31 -15.34 7.78
C ALA A 26 15.06 -16.10 8.87
N ASN A 27 14.63 -15.87 10.12
CA ASN A 27 15.00 -16.76 11.24
C ASN A 27 13.83 -17.72 11.47
N PRO A 28 14.06 -18.84 12.16
CA PRO A 28 13.00 -19.83 12.29
C PRO A 28 11.78 -19.39 13.12
N ARG A 29 11.94 -18.34 13.92
CA ARG A 29 10.91 -17.94 14.92
C ARG A 29 10.08 -16.80 14.38
N GLY A 30 10.34 -16.33 13.17
CA GLY A 30 9.55 -15.23 12.63
C GLY A 30 9.82 -13.93 13.37
N LEU A 31 11.02 -13.75 13.91
CA LEU A 31 11.38 -12.51 14.63
C LEU A 31 11.90 -11.48 13.64
N PRO A 32 11.85 -10.19 14.02
CA PRO A 32 12.31 -9.12 13.16
C PRO A 32 13.75 -9.33 12.73
N GLY A 33 14.57 -9.90 13.62
CA GLY A 33 15.93 -10.34 13.25
C GLY A 33 16.91 -9.21 12.93
N ASP A 34 17.89 -9.53 12.09
CA ASP A 34 19.08 -8.69 11.78
C ASP A 34 19.25 -8.59 10.26
N GLY A 35 19.91 -7.53 9.78
CA GLY A 35 20.33 -7.43 8.36
C GLY A 35 19.17 -7.44 7.37
N VAL A 36 19.18 -8.36 6.41
CA VAL A 36 18.10 -8.48 5.39
C VAL A 36 16.75 -8.66 6.11
N CYS A 37 16.72 -9.49 7.16
CA CYS A 37 15.48 -9.86 7.85
C CYS A 37 14.86 -8.60 8.45
N LYS A 38 15.68 -7.77 9.07
CA LYS A 38 15.20 -6.52 9.69
C LYS A 38 14.66 -5.55 8.62
N ALA A 39 15.32 -5.48 7.46
CA ALA A 39 14.90 -4.58 6.37
C ALA A 39 13.55 -5.07 5.84
N VAL A 40 13.37 -6.38 5.77
CA VAL A 40 12.09 -7.01 5.32
C VAL A 40 11.03 -6.74 6.38
N TYR A 41 11.38 -6.88 7.67
CA TYR A 41 10.40 -6.58 8.74
C TYR A 41 9.93 -5.13 8.64
N LYS A 42 10.85 -4.21 8.40
CA LYS A 42 10.53 -2.76 8.33
C LYS A 42 9.61 -2.46 7.14
N LYS A 43 9.80 -3.16 6.02
CA LYS A 43 9.09 -2.88 4.73
C LYS A 43 7.76 -3.63 4.67
N TRP A 44 7.72 -4.87 5.15
CA TRP A 44 6.55 -5.76 5.06
C TRP A 44 6.26 -6.41 6.40
N PRO A 45 6.05 -5.64 7.47
CA PRO A 45 5.82 -6.25 8.77
C PRO A 45 4.62 -7.17 8.83
N GLU A 46 3.57 -6.88 8.06
CA GLU A 46 2.36 -7.74 8.00
C GLU A 46 2.71 -9.17 7.59
N SER A 47 3.80 -9.35 6.83
CA SER A 47 4.19 -10.68 6.33
C SER A 47 4.79 -11.53 7.45
N PHE A 48 4.94 -11.00 8.68
CA PHE A 48 5.51 -11.80 9.79
C PHE A 48 4.42 -12.42 10.65
N LYS A 49 3.16 -12.31 10.27
CA LYS A 49 2.08 -13.07 10.95
C LYS A 49 2.23 -14.57 10.66
N ASN A 50 2.56 -15.38 11.66
CA ASN A 50 2.70 -16.85 11.53
C ASN A 50 3.73 -17.18 10.45
N SER A 51 4.82 -16.43 10.42
CA SER A 51 5.92 -16.70 9.46
C SER A 51 6.94 -17.73 10.02
N ALA A 52 6.92 -18.05 11.31
CA ALA A 52 7.87 -19.01 11.91
C ALA A 52 7.78 -20.33 11.13
N THR A 53 8.95 -20.93 10.85
CA THR A 53 9.11 -22.14 10.03
C THR A 53 10.46 -22.75 10.30
N PRO A 54 10.63 -24.08 10.17
CA PRO A 54 11.92 -24.69 10.52
C PRO A 54 13.06 -24.33 9.58
N VAL A 55 14.28 -24.62 10.04
CA VAL A 55 15.49 -24.49 9.19
C VAL A 55 15.28 -25.37 7.95
N GLY A 56 15.71 -24.86 6.78
CA GLY A 56 15.67 -25.66 5.53
C GLY A 56 14.32 -25.56 4.81
N THR A 57 13.42 -24.72 5.31
CA THR A 57 12.06 -24.55 4.75
C THR A 57 11.80 -23.11 4.34
N ALA A 58 10.73 -22.90 3.58
CA ALA A 58 10.26 -21.59 3.14
C ALA A 58 8.76 -21.54 3.40
N LYS A 59 8.31 -20.43 3.94
CA LYS A 59 6.88 -20.20 4.21
C LYS A 59 6.54 -18.84 3.65
N THR A 60 5.54 -18.76 2.78
CA THR A 60 5.13 -17.48 2.16
C THR A 60 3.96 -16.89 2.97
N VAL A 61 4.05 -15.60 3.25
CA VAL A 61 2.99 -14.78 3.88
C VAL A 61 2.82 -13.55 3.02
N MET A 62 1.58 -13.26 2.64
N MET A 62 1.57 -13.26 2.66
CA MET A 62 1.24 -12.09 1.78
CA MET A 62 1.23 -12.09 1.84
C MET A 62 1.28 -10.82 2.62
C MET A 62 1.36 -10.81 2.68
N CYS A 63 1.86 -9.74 2.07
CA CYS A 63 1.74 -8.37 2.61
C CYS A 63 0.87 -7.62 1.60
N GLY A 64 -0.42 -7.41 1.89
CA GLY A 64 -1.35 -7.03 0.82
C GLY A 64 -1.48 -8.16 -0.16
N THR A 65 -1.07 -7.94 -1.41
CA THR A 65 -0.97 -9.01 -2.44
C THR A 65 0.47 -9.28 -2.80
N TYR A 66 1.43 -8.74 -2.04
CA TYR A 66 2.87 -8.90 -2.35
C TYR A 66 3.40 -10.07 -1.54
N PRO A 67 3.85 -11.18 -2.18
CA PRO A 67 4.34 -12.36 -1.46
C PRO A 67 5.74 -12.15 -0.87
N VAL A 68 5.86 -12.47 0.41
CA VAL A 68 7.15 -12.54 1.15
C VAL A 68 7.37 -14.02 1.43
N ILE A 69 8.43 -14.59 0.84
CA ILE A 69 8.78 -16.01 0.99
C ILE A 69 9.87 -16.06 2.06
N HIS A 70 9.50 -16.45 3.27
CA HIS A 70 10.43 -16.52 4.43
C HIS A 70 11.24 -17.82 4.29
N ALA A 71 12.50 -17.71 3.89
CA ALA A 71 13.37 -18.89 3.68
C ALA A 71 14.40 -18.97 4.82
N VAL A 72 14.38 -20.07 5.55
CA VAL A 72 15.24 -20.20 6.76
C VAL A 72 16.49 -21.02 6.44
N GLY A 73 17.60 -20.35 6.17
CA GLY A 73 18.90 -20.99 6.03
C GLY A 73 19.43 -21.40 7.39
N PRO A 74 20.37 -22.35 7.42
CA PRO A 74 21.02 -22.77 8.66
C PRO A 74 21.96 -21.68 9.19
N ASN A 75 22.06 -21.59 10.51
CA ASN A 75 23.14 -20.78 11.16
C ASN A 75 24.37 -21.68 11.29
N PHE A 76 25.41 -21.41 10.54
CA PHE A 76 26.63 -22.24 10.49
C PHE A 76 27.42 -22.10 11.81
N SER A 77 27.02 -21.23 12.72
CA SER A 77 27.51 -21.27 14.14
C SER A 77 27.03 -22.56 14.84
N ASN A 78 25.84 -23.07 14.49
CA ASN A 78 25.16 -24.15 15.22
C ASN A 78 25.30 -25.47 14.48
N TYR A 79 25.22 -25.45 13.13
CA TYR A 79 25.27 -26.67 12.29
C TYR A 79 26.73 -27.03 11.96
N THR A 80 27.01 -28.31 11.78
CA THR A 80 28.26 -28.81 11.15
C THR A 80 28.29 -28.31 9.70
N GLU A 81 29.47 -28.23 9.08
CA GLU A 81 29.55 -27.85 7.65
C GLU A 81 28.66 -28.77 6.81
N SER A 82 28.70 -30.07 7.06
CA SER A 82 27.93 -31.08 6.30
C SER A 82 26.42 -30.85 6.42
N GLU A 83 25.92 -30.74 7.65
CA GLU A 83 24.46 -30.62 7.87
C GLU A 83 23.97 -29.25 7.41
N GLY A 84 24.79 -28.24 7.62
CA GLY A 84 24.45 -26.87 7.25
C GLY A 84 24.35 -26.81 5.73
N ASP A 85 25.29 -27.43 5.06
CA ASP A 85 25.26 -27.46 3.59
C ASP A 85 23.95 -28.10 3.10
N ARG A 86 23.53 -29.21 3.71
CA ARG A 86 22.29 -29.93 3.36
C ARG A 86 21.07 -29.02 3.55
N GLU A 87 21.02 -28.31 4.68
CA GLU A 87 19.83 -27.47 5.02
C GLU A 87 19.82 -26.23 4.12
N LEU A 88 20.99 -25.74 3.72
CA LEU A 88 21.09 -24.52 2.87
C LEU A 88 20.58 -24.85 1.46
N ALA A 89 20.99 -25.99 0.93
CA ALA A 89 20.44 -26.54 -0.33
C ALA A 89 18.92 -26.74 -0.21
N ALA A 90 18.43 -27.31 0.88
CA ALA A 90 16.98 -27.56 1.09
C ALA A 90 16.20 -26.23 1.10
N ALA A 91 16.64 -25.19 1.84
CA ALA A 91 15.91 -23.91 1.91
C ALA A 91 15.71 -23.37 0.48
N TYR A 92 16.76 -23.45 -0.36
CA TYR A 92 16.63 -22.96 -1.74
C TYR A 92 15.66 -23.83 -2.55
N ARG A 93 15.65 -25.15 -2.40
CA ARG A 93 14.66 -25.98 -3.12
C ARG A 93 13.25 -25.54 -2.72
N GLU A 94 13.00 -25.22 -1.43
CA GLU A 94 11.65 -24.83 -0.99
C GLU A 94 11.33 -23.46 -1.58
N VAL A 95 12.31 -22.57 -1.73
CA VAL A 95 12.09 -21.27 -2.42
C VAL A 95 11.65 -21.51 -3.86
N ALA A 96 12.29 -22.41 -4.58
CA ALA A 96 11.90 -22.71 -5.99
C ALA A 96 10.45 -23.21 -6.05
N LYS A 97 10.04 -24.03 -5.11
CA LYS A 97 8.66 -24.55 -5.08
C LYS A 97 7.71 -23.39 -4.86
N GLU A 98 8.03 -22.49 -3.92
CA GLU A 98 7.13 -21.37 -3.62
C GLU A 98 7.01 -20.45 -4.83
N VAL A 99 8.13 -20.09 -5.45
CA VAL A 99 8.17 -19.16 -6.61
C VAL A 99 7.28 -19.78 -7.70
N THR A 100 7.42 -21.08 -7.90
CA THR A 100 6.64 -21.82 -8.93
C THR A 100 5.15 -21.77 -8.57
N ARG A 101 4.81 -22.08 -7.32
CA ARG A 101 3.39 -22.10 -6.87
C ARG A 101 2.74 -20.73 -7.06
N LEU A 102 3.45 -19.65 -6.77
CA LEU A 102 2.90 -18.29 -6.79
C LEU A 102 2.67 -17.84 -8.24
N GLY A 103 3.36 -18.41 -9.21
CA GLY A 103 3.18 -18.03 -10.64
C GLY A 103 3.79 -16.68 -10.96
N VAL A 104 4.70 -16.15 -10.13
CA VAL A 104 5.35 -14.85 -10.37
C VAL A 104 6.28 -14.97 -11.60
N ASN A 105 6.56 -13.86 -12.23
CA ASN A 105 7.49 -13.81 -13.38
C ASN A 105 8.85 -13.29 -12.92
N SER A 106 8.97 -12.89 -11.66
CA SER A 106 10.25 -12.35 -11.12
C SER A 106 10.26 -12.51 -9.59
N VAL A 107 11.46 -12.57 -9.04
CA VAL A 107 11.70 -12.80 -7.60
C VAL A 107 13.02 -12.14 -7.21
N ALA A 108 13.01 -11.39 -6.11
CA ALA A 108 14.18 -10.77 -5.47
C ALA A 108 14.68 -11.76 -4.39
N ILE A 109 15.96 -12.13 -4.42
N ILE A 109 15.96 -12.16 -4.46
CA ILE A 109 16.50 -13.16 -3.49
CA ILE A 109 16.55 -13.19 -3.57
C ILE A 109 17.86 -12.74 -2.97
C ILE A 109 17.84 -12.65 -2.95
N PRO A 110 18.07 -12.83 -1.63
CA PRO A 110 19.39 -12.61 -1.03
C PRO A 110 20.15 -13.94 -0.99
N LEU A 111 21.47 -13.91 -0.78
CA LEU A 111 22.23 -15.18 -0.59
C LEU A 111 22.04 -15.63 0.86
N LEU A 112 21.29 -16.69 1.04
CA LEU A 112 21.02 -17.30 2.38
C LEU A 112 22.31 -17.72 3.05
N SER A 113 22.36 -17.53 4.38
CA SER A 113 23.44 -17.99 5.29
C SER A 113 24.77 -17.30 4.98
N THR A 114 24.77 -16.12 4.38
CA THR A 114 26.04 -15.43 4.02
C THR A 114 26.32 -14.27 4.98
N GLY A 115 25.36 -13.92 5.84
CA GLY A 115 25.43 -12.78 6.77
C GLY A 115 25.69 -13.29 8.18
N VAL A 116 24.80 -12.94 9.12
CA VAL A 116 24.93 -13.35 10.55
C VAL A 116 24.81 -14.87 10.72
N TYR A 117 24.36 -15.65 9.72
CA TYR A 117 24.31 -17.13 9.80
C TYR A 117 25.52 -17.81 9.12
N SER A 118 26.53 -17.05 8.70
CA SER A 118 27.68 -17.57 7.92
C SER A 118 28.69 -18.31 8.82
N GLY A 119 28.59 -18.16 10.16
CA GLY A 119 29.61 -18.72 11.06
C GLY A 119 30.99 -18.08 10.81
N GLY A 120 30.98 -16.80 10.40
CA GLY A 120 32.16 -15.99 10.08
C GLY A 120 32.92 -16.48 8.85
N LYS A 121 32.30 -17.25 7.94
CA LYS A 121 32.97 -17.71 6.72
C LYS A 121 32.33 -17.04 5.49
N ASP A 122 33.12 -16.96 4.43
CA ASP A 122 32.69 -16.46 3.11
C ASP A 122 31.99 -17.63 2.43
N ARG A 123 30.67 -17.50 2.26
CA ARG A 123 29.86 -18.59 1.68
C ARG A 123 29.19 -18.07 0.40
N LEU A 124 29.78 -17.06 -0.25
CA LEU A 124 29.23 -16.53 -1.53
C LEU A 124 29.03 -17.72 -2.48
N THR A 125 30.11 -18.43 -2.84
CA THR A 125 30.05 -19.47 -3.87
C THR A 125 29.12 -20.60 -3.42
N GLN A 126 29.22 -21.02 -2.16
CA GLN A 126 28.39 -22.13 -1.63
C GLN A 126 26.90 -21.78 -1.78
N SER A 127 26.57 -20.57 -1.33
CA SER A 127 25.16 -20.15 -1.24
C SER A 127 24.62 -19.93 -2.66
N LEU A 128 25.42 -19.27 -3.49
CA LEU A 128 25.01 -18.96 -4.88
C LEU A 128 24.81 -20.24 -5.69
N ASN A 129 25.67 -21.23 -5.51
CA ASN A 129 25.55 -22.48 -6.31
C ASN A 129 24.29 -23.20 -5.89
N HIS A 130 23.93 -23.16 -4.59
CA HIS A 130 22.67 -23.81 -4.15
C HIS A 130 21.47 -23.04 -4.69
N LEU A 131 21.59 -21.72 -4.78
CA LEU A 131 20.55 -20.88 -5.39
C LEU A 131 20.37 -21.36 -6.85
N PHE A 132 21.46 -21.41 -7.61
CA PHE A 132 21.39 -21.87 -9.02
C PHE A 132 20.77 -23.26 -9.09
N THR A 133 21.23 -24.21 -8.25
CA THR A 133 20.74 -25.61 -8.33
C THR A 133 19.21 -25.59 -8.24
N ALA A 134 18.68 -24.75 -7.36
CA ALA A 134 17.23 -24.70 -7.09
C ALA A 134 16.49 -23.96 -8.21
N MET A 135 16.99 -22.80 -8.60
CA MET A 135 16.22 -21.84 -9.40
C MET A 135 16.42 -22.11 -10.90
N ASP A 136 17.39 -22.92 -11.30
CA ASP A 136 17.70 -23.05 -12.76
C ASP A 136 16.48 -23.61 -13.51
N SER A 137 15.69 -24.48 -12.87
CA SER A 137 14.53 -25.15 -13.50
C SER A 137 13.28 -24.26 -13.43
N THR A 138 13.33 -23.10 -12.77
CA THR A 138 12.20 -22.14 -12.76
C THR A 138 12.33 -21.17 -13.93
N ASP A 139 11.22 -20.59 -14.36
CA ASP A 139 11.23 -19.63 -15.49
C ASP A 139 11.01 -18.19 -15.00
N ALA A 140 11.11 -17.95 -13.71
CA ALA A 140 11.06 -16.58 -13.19
C ALA A 140 12.38 -15.84 -13.46
N ASP A 141 12.33 -14.54 -13.73
CA ASP A 141 13.53 -13.68 -13.72
C ASP A 141 14.01 -13.58 -12.27
N VAL A 142 15.26 -13.99 -12.01
CA VAL A 142 15.79 -13.97 -10.61
C VAL A 142 16.70 -12.75 -10.49
N VAL A 143 16.50 -11.93 -9.47
CA VAL A 143 17.39 -10.77 -9.18
C VAL A 143 17.97 -10.94 -7.79
N ILE A 144 19.28 -11.14 -7.74
CA ILE A 144 20.01 -11.43 -6.50
C ILE A 144 20.43 -10.09 -5.93
N TYR A 145 20.19 -9.88 -4.65
CA TYR A 145 20.51 -8.63 -3.96
C TYR A 145 21.69 -8.87 -3.02
N CYS A 146 22.64 -7.96 -3.05
CA CYS A 146 23.85 -8.04 -2.19
C CYS A 146 24.19 -6.61 -1.75
N ARG A 147 25.10 -6.45 -0.78
CA ARG A 147 25.46 -5.09 -0.32
C ARG A 147 26.93 -4.73 -0.54
N ASP A 148 27.78 -5.69 -0.87
CA ASP A 148 29.25 -5.47 -1.03
C ASP A 148 29.61 -5.39 -2.52
N LYS A 149 30.37 -4.36 -2.90
CA LYS A 149 30.80 -4.12 -4.31
C LYS A 149 31.60 -5.31 -4.85
N GLU A 150 32.42 -5.94 -4.00
CA GLU A 150 33.25 -7.10 -4.45
C GLU A 150 32.36 -8.36 -4.55
N TRP A 151 31.40 -8.55 -3.65
CA TRP A 151 30.37 -9.62 -3.85
C TRP A 151 29.57 -9.39 -5.15
N GLU A 152 29.19 -8.15 -5.46
CA GLU A 152 28.46 -7.83 -6.72
C GLU A 152 29.28 -8.32 -7.92
N LYS A 153 30.57 -7.98 -7.95
CA LYS A 153 31.47 -8.37 -9.06
C LYS A 153 31.51 -9.90 -9.14
N LYS A 154 31.69 -10.59 -8.01
CA LYS A 154 31.84 -12.06 -8.02
C LYS A 154 30.55 -12.74 -8.44
N ILE A 155 29.41 -12.27 -7.94
CA ILE A 155 28.09 -12.80 -8.36
C ILE A 155 27.87 -12.53 -9.85
N SER A 156 28.15 -11.34 -10.32
CA SER A 156 27.99 -10.98 -11.74
C SER A 156 28.86 -11.88 -12.59
N GLU A 157 30.11 -12.10 -12.16
CA GLU A 157 31.05 -12.99 -12.91
C GLU A 157 30.46 -14.40 -12.98
N ALA A 158 29.93 -14.94 -11.87
CA ALA A 158 29.40 -16.32 -11.82
C ALA A 158 28.20 -16.42 -12.76
N ILE A 159 27.35 -15.39 -12.79
CA ILE A 159 26.17 -15.41 -13.71
C ILE A 159 26.68 -15.44 -15.16
N GLN A 160 27.59 -14.52 -15.52
CA GLN A 160 28.01 -14.31 -16.93
C GLN A 160 28.75 -15.55 -17.43
N MET A 161 29.52 -16.23 -16.56
CA MET A 161 30.31 -17.45 -16.87
C MET A 161 29.42 -18.52 -17.50
N ARG A 162 28.17 -18.66 -17.07
CA ARG A 162 27.25 -19.73 -17.56
C ARG A 162 26.53 -19.26 -18.85
N THR A 163 26.71 -17.98 -19.21
CA THR A 163 26.45 -17.31 -20.52
C THR A 163 25.79 -15.97 -20.21
N GLY B 1 10.12 13.68 -29.86
CA GLY B 1 9.55 15.00 -29.50
C GLY B 1 8.13 14.86 -28.96
N ALA B 2 7.77 15.71 -28.00
CA ALA B 2 6.37 15.94 -27.59
C ALA B 2 5.66 16.58 -28.78
N MET B 3 4.38 16.26 -29.03
CA MET B 3 3.70 16.78 -30.25
C MET B 3 3.71 18.31 -30.22
N ALA B 4 3.51 18.90 -29.04
CA ALA B 4 3.56 20.37 -28.84
C ALA B 4 4.41 20.65 -27.61
N PRO B 5 5.77 20.69 -27.75
CA PRO B 5 6.65 20.77 -26.59
C PRO B 5 6.16 21.85 -25.62
N SER B 6 6.01 21.48 -24.34
CA SER B 6 5.48 22.36 -23.28
C SER B 6 6.42 22.33 -22.06
N TYR B 7 6.23 23.35 -21.24
CA TYR B 7 6.63 23.37 -19.82
C TYR B 7 5.39 23.31 -18.91
N ARG B 8 5.47 22.49 -17.86
CA ARG B 8 4.43 22.34 -16.79
C ARG B 8 5.14 22.28 -15.43
N VAL B 9 4.42 22.63 -14.35
CA VAL B 9 4.96 22.53 -12.96
C VAL B 9 4.05 21.61 -12.13
N LYS B 10 4.64 20.76 -11.29
CA LYS B 10 3.92 19.88 -10.34
C LYS B 10 4.53 20.08 -8.95
N ARG B 11 3.68 20.22 -7.92
CA ARG B 11 4.14 20.35 -6.51
C ARG B 11 4.06 18.97 -5.83
N MET B 12 5.16 18.22 -5.81
CA MET B 12 5.20 16.83 -5.29
C MET B 12 6.62 16.29 -5.33
N ASP B 13 6.83 15.19 -4.63
CA ASP B 13 8.09 14.42 -4.62
C ASP B 13 8.38 13.99 -6.08
N ILE B 14 9.48 14.52 -6.63
CA ILE B 14 9.85 14.27 -8.05
C ILE B 14 10.14 12.76 -8.20
N ALA B 15 10.30 12.05 -7.08
CA ALA B 15 10.49 10.58 -7.07
C ALA B 15 9.25 9.83 -7.63
N LYS B 16 8.06 10.43 -7.50
CA LYS B 16 6.77 9.83 -7.94
C LYS B 16 6.44 10.23 -9.39
N ASN B 17 7.37 10.89 -10.09
CA ASN B 17 7.09 11.54 -11.40
C ASN B 17 6.51 10.51 -12.36
N ASP B 18 5.63 10.96 -13.26
CA ASP B 18 5.04 10.20 -14.41
C ASP B 18 5.74 10.63 -15.72
N GLU B 19 7.06 10.90 -15.72
CA GLU B 19 7.78 11.27 -16.97
C GLU B 19 8.71 10.14 -17.35
N GLU B 20 9.32 10.25 -18.53
CA GLU B 20 10.13 9.15 -19.12
C GLU B 20 11.49 9.13 -18.45
N CYS B 21 11.86 10.23 -17.78
CA CYS B 21 13.14 10.31 -17.06
C CYS B 21 13.09 11.45 -16.03
N VAL B 22 14.06 11.41 -15.12
CA VAL B 22 14.14 12.37 -13.99
C VAL B 22 15.53 12.98 -13.96
N VAL B 23 15.57 14.26 -13.56
CA VAL B 23 16.83 14.96 -13.22
C VAL B 23 16.96 15.00 -11.70
N ASN B 24 18.00 14.37 -11.19
CA ASN B 24 18.34 14.45 -9.77
C ASN B 24 19.13 15.74 -9.53
N ALA B 25 18.77 16.49 -8.51
CA ALA B 25 19.63 17.56 -7.95
C ALA B 25 20.74 16.88 -7.14
N ALA B 26 21.76 16.37 -7.82
CA ALA B 26 22.81 15.50 -7.26
C ALA B 26 23.88 16.31 -6.52
N ASN B 27 24.60 15.63 -5.63
CA ASN B 27 25.88 16.15 -5.12
C ASN B 27 26.98 15.52 -5.96
N PRO B 28 28.20 16.07 -5.92
CA PRO B 28 29.28 15.61 -6.79
C PRO B 28 29.76 14.19 -6.48
N ARG B 29 29.43 13.67 -5.30
CA ARG B 29 30.06 12.41 -4.83
C ARG B 29 29.10 11.24 -5.01
N GLY B 30 27.88 11.49 -5.48
CA GLY B 30 26.86 10.44 -5.64
C GLY B 30 26.40 9.92 -4.30
N LEU B 31 26.37 10.80 -3.30
CA LEU B 31 25.84 10.50 -1.95
C LEU B 31 24.32 10.65 -1.94
N PRO B 32 23.62 9.99 -1.00
CA PRO B 32 22.18 10.12 -0.88
C PRO B 32 21.66 11.54 -0.66
N GLY B 33 22.42 12.34 0.07
CA GLY B 33 22.20 13.80 0.14
C GLY B 33 20.89 14.20 0.80
N ASP B 34 20.40 15.39 0.46
CA ASP B 34 19.24 16.06 1.12
C ASP B 34 18.15 16.33 0.07
N GLY B 35 16.96 16.70 0.54
CA GLY B 35 15.84 17.15 -0.33
C GLY B 35 15.59 16.24 -1.51
N VAL B 36 15.51 16.80 -2.71
CA VAL B 36 15.30 16.03 -3.97
C VAL B 36 16.27 14.84 -4.01
N CYS B 37 17.56 15.02 -3.76
CA CYS B 37 18.56 13.97 -3.89
C CYS B 37 18.20 12.76 -3.01
N LYS B 38 17.81 13.03 -1.76
CA LYS B 38 17.49 11.96 -0.78
C LYS B 38 16.30 11.16 -1.33
N ALA B 39 15.24 11.88 -1.74
CA ALA B 39 13.98 11.34 -2.31
C ALA B 39 14.30 10.48 -3.53
N VAL B 40 15.16 10.98 -4.43
CA VAL B 40 15.61 10.17 -5.60
C VAL B 40 16.41 8.94 -5.14
N TYR B 41 17.28 9.01 -4.13
CA TYR B 41 18.05 7.84 -3.63
C TYR B 41 17.10 6.79 -3.05
N LYS B 42 15.98 7.22 -2.48
CA LYS B 42 15.01 6.30 -1.83
C LYS B 42 14.67 5.18 -2.81
N LYS B 43 14.64 5.48 -4.10
CA LYS B 43 14.04 4.60 -5.14
C LYS B 43 15.12 3.99 -6.04
N TRP B 44 16.18 4.76 -6.36
CA TRP B 44 17.10 4.49 -7.48
C TRP B 44 18.55 4.36 -6.98
N PRO B 45 18.83 3.65 -5.86
CA PRO B 45 20.19 3.63 -5.31
C PRO B 45 21.23 3.01 -6.24
N GLU B 46 20.86 2.01 -7.05
CA GLU B 46 21.80 1.42 -8.06
C GLU B 46 22.05 2.45 -9.16
N SER B 47 21.13 3.41 -9.36
CA SER B 47 21.36 4.61 -10.21
C SER B 47 22.50 5.42 -9.62
N PHE B 48 22.61 5.38 -8.29
CA PHE B 48 23.79 6.01 -7.66
C PHE B 48 25.05 5.16 -7.89
N LYS B 49 24.95 4.00 -8.55
CA LYS B 49 26.20 3.30 -8.92
C LYS B 49 26.97 4.22 -9.88
N ASN B 50 28.14 4.66 -9.43
CA ASN B 50 29.05 5.54 -10.20
C ASN B 50 28.22 6.71 -10.74
N SER B 51 27.48 7.40 -9.86
CA SER B 51 26.75 8.65 -10.23
C SER B 51 27.60 9.89 -9.90
N ALA B 52 28.77 9.72 -9.23
CA ALA B 52 29.71 10.83 -8.92
C ALA B 52 30.22 11.54 -10.19
N THR B 53 30.13 12.87 -10.20
CA THR B 53 30.45 13.70 -11.40
C THR B 53 30.69 15.14 -10.92
N PRO B 54 31.54 15.92 -11.60
CA PRO B 54 31.84 17.26 -11.12
C PRO B 54 30.66 18.24 -11.18
N VAL B 55 30.86 19.33 -10.45
CA VAL B 55 29.93 20.49 -10.48
C VAL B 55 29.85 20.98 -11.92
N GLY B 56 28.65 21.35 -12.36
CA GLY B 56 28.46 21.86 -13.71
C GLY B 56 28.24 20.77 -14.75
N THR B 57 28.12 19.51 -14.33
CA THR B 57 27.94 18.37 -15.26
C THR B 57 26.73 17.53 -14.91
N ALA B 58 26.35 16.70 -15.86
CA ALA B 58 25.26 15.73 -15.67
C ALA B 58 25.80 14.36 -16.08
N LYS B 59 25.45 13.34 -15.30
CA LYS B 59 25.81 11.92 -15.51
C LYS B 59 24.53 11.10 -15.44
N THR B 60 24.19 10.36 -16.50
CA THR B 60 22.97 9.54 -16.53
C THR B 60 23.36 8.11 -16.14
N VAL B 61 22.59 7.55 -15.20
CA VAL B 61 22.66 6.10 -14.85
C VAL B 61 21.26 5.50 -15.07
N MET B 62 21.13 4.37 -15.76
CA MET B 62 19.79 3.75 -15.98
C MET B 62 19.33 3.01 -14.72
N CYS B 63 18.02 2.83 -14.58
CA CYS B 63 17.38 2.05 -13.49
C CYS B 63 16.28 1.17 -14.06
N GLY B 64 16.68 0.04 -14.64
CA GLY B 64 15.88 -0.73 -15.62
C GLY B 64 15.80 0.05 -16.93
N THR B 65 14.65 0.69 -17.18
CA THR B 65 14.34 1.47 -18.39
C THR B 65 14.03 2.94 -18.04
N TYR B 66 14.39 3.38 -16.82
CA TYR B 66 14.20 4.77 -16.35
C TYR B 66 15.55 5.46 -16.18
N PRO B 67 15.95 6.37 -17.10
CA PRO B 67 17.14 7.20 -16.94
C PRO B 67 17.02 8.19 -15.78
N VAL B 68 18.02 8.14 -14.91
CA VAL B 68 18.22 9.17 -13.84
C VAL B 68 19.41 10.01 -14.27
N ILE B 69 19.15 11.29 -14.52
CA ILE B 69 20.20 12.22 -14.97
C ILE B 69 20.67 13.00 -13.74
N HIS B 70 21.84 12.64 -13.25
CA HIS B 70 22.44 13.30 -12.05
C HIS B 70 23.07 14.63 -12.48
N ALA B 71 22.44 15.75 -12.12
CA ALA B 71 22.88 17.12 -12.50
C ALA B 71 23.41 17.80 -11.24
N VAL B 72 24.68 18.17 -11.28
CA VAL B 72 25.38 18.71 -10.08
C VAL B 72 25.44 20.22 -10.21
N GLY B 73 24.54 20.92 -9.53
CA GLY B 73 24.58 22.38 -9.42
C GLY B 73 25.62 22.80 -8.40
N PRO B 74 26.09 24.05 -8.48
CA PRO B 74 27.07 24.57 -7.52
C PRO B 74 26.40 24.79 -6.17
N ASN B 75 27.20 24.62 -5.12
CA ASN B 75 26.80 25.06 -3.77
C ASN B 75 27.26 26.51 -3.61
N PHE B 76 26.33 27.43 -3.59
CA PHE B 76 26.60 28.88 -3.44
C PHE B 76 27.20 29.21 -2.06
N SER B 77 27.20 28.29 -1.12
CA SER B 77 28.01 28.47 0.11
C SER B 77 29.50 28.52 -0.27
N ASN B 78 29.91 27.76 -1.29
CA ASN B 78 31.34 27.55 -1.65
C ASN B 78 31.73 28.42 -2.84
N TYR B 79 30.83 28.60 -3.81
CA TYR B 79 31.09 29.35 -5.06
C TYR B 79 30.72 30.80 -4.85
N THR B 80 31.43 31.69 -5.52
CA THR B 80 31.03 33.10 -5.66
C THR B 80 29.78 33.21 -6.53
N GLU B 81 29.08 34.31 -6.42
CA GLU B 81 27.88 34.53 -7.28
C GLU B 81 28.28 34.37 -8.75
N SER B 82 29.41 34.94 -9.16
CA SER B 82 29.90 34.89 -10.55
C SER B 82 30.21 33.45 -10.98
N GLU B 83 31.03 32.74 -10.21
CA GLU B 83 31.47 31.41 -10.66
C GLU B 83 30.30 30.44 -10.54
N GLY B 84 29.48 30.58 -9.52
CA GLY B 84 28.29 29.74 -9.32
C GLY B 84 27.32 29.93 -10.47
N ASP B 85 27.12 31.17 -10.90
CA ASP B 85 26.16 31.43 -12.00
C ASP B 85 26.59 30.66 -13.25
N ARG B 86 27.88 30.64 -13.55
CA ARG B 86 28.44 29.93 -14.71
C ARG B 86 28.17 28.42 -14.53
N GLU B 87 28.48 27.85 -13.35
CA GLU B 87 28.33 26.39 -13.15
C GLU B 87 26.85 26.01 -13.17
N LEU B 88 25.96 26.86 -12.70
CA LEU B 88 24.52 26.53 -12.69
C LEU B 88 23.99 26.46 -14.13
N ALA B 89 24.37 27.42 -14.96
CA ALA B 89 24.08 27.40 -16.42
C ALA B 89 24.62 26.14 -17.06
N ALA B 90 25.86 25.76 -16.74
CA ALA B 90 26.57 24.60 -17.31
C ALA B 90 25.81 23.31 -16.97
N ALA B 91 25.41 23.12 -15.70
CA ALA B 91 24.68 21.92 -15.28
C ALA B 91 23.45 21.78 -16.16
N TYR B 92 22.70 22.86 -16.30
CA TYR B 92 21.46 22.79 -17.09
C TYR B 92 21.77 22.49 -18.55
N ARG B 93 22.80 23.10 -19.13
CA ARG B 93 23.19 22.78 -20.53
C ARG B 93 23.48 21.29 -20.70
N GLU B 94 24.16 20.65 -19.74
N GLU B 94 24.12 20.66 -19.72
CA GLU B 94 24.46 19.19 -19.81
CA GLU B 94 24.48 19.23 -19.79
C GLU B 94 23.15 18.41 -19.69
C GLU B 94 23.20 18.38 -19.62
N VAL B 95 22.22 18.86 -18.83
CA VAL B 95 20.89 18.20 -18.75
C VAL B 95 20.24 18.19 -20.15
N ALA B 96 20.20 19.32 -20.85
CA ALA B 96 19.58 19.43 -22.18
C ALA B 96 20.24 18.46 -23.16
N LYS B 97 21.57 18.36 -23.11
CA LYS B 97 22.31 17.41 -23.99
C LYS B 97 21.89 15.98 -23.66
N GLU B 98 21.75 15.64 -22.38
CA GLU B 98 21.41 14.25 -21.98
C GLU B 98 19.97 13.95 -22.39
N VAL B 99 19.04 14.86 -22.14
CA VAL B 99 17.62 14.64 -22.49
C VAL B 99 17.54 14.38 -24.00
N THR B 100 18.28 15.16 -24.77
CA THR B 100 18.27 15.04 -26.25
C THR B 100 18.84 13.67 -26.61
N ARG B 101 19.99 13.32 -26.05
CA ARG B 101 20.66 12.01 -26.34
C ARG B 101 19.71 10.85 -26.04
N LEU B 102 18.98 10.93 -24.94
CA LEU B 102 18.14 9.82 -24.47
C LEU B 102 16.94 9.63 -25.40
N GLY B 103 16.52 10.67 -26.12
CA GLY B 103 15.36 10.60 -27.03
C GLY B 103 14.03 10.53 -26.29
N VAL B 104 13.97 11.00 -25.04
CA VAL B 104 12.71 11.00 -24.25
C VAL B 104 11.76 12.08 -24.80
N ASN B 105 10.46 11.91 -24.56
CA ASN B 105 9.45 12.92 -24.93
C ASN B 105 9.03 13.70 -23.68
N SER B 106 9.51 13.29 -22.50
CA SER B 106 9.19 13.98 -21.24
C SER B 106 10.36 13.85 -20.25
N VAL B 107 10.45 14.85 -19.37
CA VAL B 107 11.49 14.88 -18.29
C VAL B 107 10.93 15.66 -17.10
N ALA B 108 11.18 15.11 -15.91
CA ALA B 108 10.91 15.71 -14.58
C ALA B 108 12.21 16.38 -14.13
N ILE B 109 12.16 17.67 -13.86
N ILE B 109 12.15 17.69 -13.88
CA ILE B 109 13.37 18.47 -13.50
CA ILE B 109 13.33 18.53 -13.53
C ILE B 109 13.07 19.33 -12.27
C ILE B 109 13.04 19.30 -12.24
N PRO B 110 13.98 19.31 -11.26
CA PRO B 110 13.88 20.22 -10.13
C PRO B 110 14.67 21.51 -10.41
N LEU B 111 14.45 22.55 -9.61
CA LEU B 111 15.26 23.80 -9.76
C LEU B 111 16.60 23.62 -9.03
N LEU B 112 17.67 23.44 -9.79
CA LEU B 112 19.02 23.21 -9.27
C LEU B 112 19.46 24.42 -8.43
N SER B 113 20.17 24.13 -7.37
CA SER B 113 20.85 25.12 -6.50
C SER B 113 19.84 25.98 -5.74
N THR B 114 18.61 25.50 -5.52
CA THR B 114 17.54 26.29 -4.82
C THR B 114 17.32 25.80 -3.37
N GLY B 115 17.89 24.66 -2.99
CA GLY B 115 17.70 24.08 -1.65
C GLY B 115 18.95 24.28 -0.83
N VAL B 116 19.52 23.18 -0.35
CA VAL B 116 20.75 23.14 0.49
C VAL B 116 21.90 23.89 -0.21
N TYR B 117 21.91 23.92 -1.55
CA TYR B 117 23.01 24.60 -2.34
C TYR B 117 22.72 26.09 -2.59
N SER B 118 21.64 26.68 -2.07
CA SER B 118 21.24 28.08 -2.38
C SER B 118 22.13 29.13 -1.69
N GLY B 119 22.95 28.73 -0.71
CA GLY B 119 23.70 29.67 0.14
C GLY B 119 22.73 30.59 0.87
N GLY B 120 21.53 30.09 1.18
CA GLY B 120 20.50 30.83 1.93
C GLY B 120 19.82 31.94 1.13
N LYS B 121 19.98 31.98 -0.20
CA LYS B 121 19.30 32.98 -1.07
C LYS B 121 18.16 32.32 -1.82
N ASP B 122 17.14 33.10 -2.14
CA ASP B 122 16.00 32.75 -3.02
C ASP B 122 16.53 32.73 -4.46
N ARG B 123 16.59 31.55 -5.08
CA ARG B 123 17.22 31.41 -6.43
C ARG B 123 16.22 30.89 -7.45
N LEU B 124 14.92 31.05 -7.19
CA LEU B 124 13.87 30.53 -8.10
C LEU B 124 14.12 31.17 -9.47
N THR B 125 14.20 32.50 -9.54
CA THR B 125 14.27 33.21 -10.84
C THR B 125 15.58 32.85 -11.55
N GLN B 126 16.69 32.87 -10.84
CA GLN B 126 18.02 32.55 -11.40
C GLN B 126 17.98 31.14 -11.99
N SER B 127 17.51 30.18 -11.21
CA SER B 127 17.61 28.73 -11.53
C SER B 127 16.63 28.44 -12.66
N LEU B 128 15.46 29.06 -12.64
CA LEU B 128 14.45 28.84 -13.70
C LEU B 128 14.95 29.45 -15.01
N ASN B 129 15.58 30.61 -14.96
CA ASN B 129 16.14 31.29 -16.16
C ASN B 129 17.19 30.37 -16.82
N HIS B 130 18.11 29.77 -16.05
CA HIS B 130 19.11 28.85 -16.64
C HIS B 130 18.43 27.58 -17.16
N LEU B 131 17.38 27.13 -16.51
CA LEU B 131 16.62 25.92 -16.94
C LEU B 131 16.02 26.23 -18.33
N PHE B 132 15.30 27.34 -18.46
CA PHE B 132 14.74 27.74 -19.76
C PHE B 132 15.84 27.90 -20.81
N THR B 133 16.93 28.63 -20.50
CA THR B 133 18.02 28.89 -21.49
C THR B 133 18.50 27.56 -22.09
N ALA B 134 18.61 26.52 -21.26
CA ALA B 134 19.09 25.18 -21.69
C ALA B 134 17.97 24.40 -22.39
N MET B 135 16.77 24.35 -21.81
CA MET B 135 15.76 23.39 -22.27
C MET B 135 14.93 23.98 -23.43
N ASP B 136 14.97 25.27 -23.68
CA ASP B 136 14.05 25.90 -24.69
C ASP B 136 14.25 25.24 -26.05
N SER B 137 15.49 24.88 -26.39
CA SER B 137 15.80 24.31 -27.72
C SER B 137 15.51 22.80 -27.79
N THR B 138 15.12 22.15 -26.70
CA THR B 138 14.76 20.71 -26.71
C THR B 138 13.27 20.60 -26.99
N ASP B 139 12.83 19.42 -27.45
CA ASP B 139 11.39 19.23 -27.80
C ASP B 139 10.73 18.28 -26.81
N ALA B 140 11.37 17.98 -25.68
CA ALA B 140 10.74 17.15 -24.63
C ALA B 140 9.71 17.99 -23.87
N ASP B 141 8.62 17.35 -23.44
CA ASP B 141 7.76 17.90 -22.38
C ASP B 141 8.59 17.95 -21.09
N VAL B 142 8.79 19.16 -20.62
CA VAL B 142 9.51 19.41 -19.34
C VAL B 142 8.49 19.64 -18.22
N VAL B 143 8.62 18.83 -17.18
CA VAL B 143 7.79 18.94 -15.96
C VAL B 143 8.70 19.37 -14.80
N ILE B 144 8.51 20.58 -14.34
CA ILE B 144 9.30 21.17 -13.23
C ILE B 144 8.62 20.83 -11.91
N TYR B 145 9.37 20.25 -10.96
CA TYR B 145 8.85 19.84 -9.64
C TYR B 145 9.30 20.88 -8.61
N CYS B 146 8.40 21.29 -7.74
CA CYS B 146 8.69 22.10 -6.53
C CYS B 146 7.88 21.53 -5.36
N ARG B 147 8.14 22.01 -4.15
CA ARG B 147 7.42 21.53 -2.93
C ARG B 147 6.58 22.67 -2.38
N ASP B 148 7.02 23.90 -2.58
CA ASP B 148 6.43 25.09 -1.95
C ASP B 148 5.28 25.58 -2.82
N LYS B 149 4.15 25.93 -2.20
CA LYS B 149 2.94 26.36 -2.94
C LYS B 149 3.15 27.75 -3.54
N GLU B 150 3.90 28.66 -2.89
CA GLU B 150 4.21 29.99 -3.49
C GLU B 150 5.18 29.83 -4.66
N TRP B 151 6.12 28.89 -4.55
CA TRP B 151 7.06 28.57 -5.67
C TRP B 151 6.26 28.00 -6.85
N GLU B 152 5.37 27.05 -6.60
CA GLU B 152 4.49 26.49 -7.67
C GLU B 152 3.83 27.64 -8.44
N LYS B 153 3.25 28.61 -7.72
CA LYS B 153 2.59 29.81 -8.31
C LYS B 153 3.59 30.55 -9.21
N LYS B 154 4.73 30.96 -8.66
CA LYS B 154 5.76 31.79 -9.34
C LYS B 154 6.29 31.08 -10.59
N ILE B 155 6.49 29.76 -10.50
CA ILE B 155 7.01 28.93 -11.65
C ILE B 155 5.94 28.88 -12.75
N SER B 156 4.68 28.63 -12.38
CA SER B 156 3.52 28.69 -13.31
C SER B 156 3.46 30.07 -13.99
N GLU B 157 3.50 31.15 -13.20
CA GLU B 157 3.40 32.54 -13.70
C GLU B 157 4.53 32.81 -14.69
N ALA B 158 5.72 32.22 -14.47
CA ALA B 158 6.85 32.44 -15.38
C ALA B 158 6.61 31.67 -16.68
N ILE B 159 6.06 30.45 -16.61
CA ILE B 159 5.79 29.58 -17.79
C ILE B 159 4.74 30.25 -18.69
N GLN B 160 3.65 30.73 -18.11
CA GLN B 160 2.46 31.24 -18.86
C GLN B 160 2.73 32.63 -19.46
N MET B 161 3.72 33.37 -18.94
CA MET B 161 4.00 34.78 -19.34
C MET B 161 4.79 34.84 -20.65
N ARG B 162 5.26 33.70 -21.17
CA ARG B 162 6.10 33.61 -22.39
C ARG B 162 5.31 32.96 -23.54
N THR B 163 4.02 32.69 -23.33
CA THR B 163 3.13 31.91 -24.23
C THR B 163 2.04 32.81 -24.81
N GLY C 1 -27.06 3.84 6.01
CA GLY C 1 -26.56 2.55 5.39
C GLY C 1 -27.64 1.85 4.58
N ALA C 2 -27.24 1.07 3.59
CA ALA C 2 -28.15 0.16 2.87
C ALA C 2 -28.69 -0.85 3.88
N MET C 3 -29.95 -1.27 3.72
CA MET C 3 -30.57 -2.24 4.66
C MET C 3 -29.79 -3.58 4.62
N ALA C 4 -29.26 -3.97 3.47
CA ALA C 4 -28.54 -5.24 3.29
C ALA C 4 -27.36 -4.96 2.37
N PRO C 5 -26.28 -4.34 2.91
CA PRO C 5 -25.19 -3.87 2.07
C PRO C 5 -24.70 -4.97 1.12
N SER C 6 -24.54 -4.62 -0.15
CA SER C 6 -24.18 -5.57 -1.22
C SER C 6 -23.08 -4.99 -2.09
N TYR C 7 -22.53 -5.87 -2.90
CA TYR C 7 -21.65 -5.57 -4.03
C TYR C 7 -22.36 -5.98 -5.30
N ARG C 8 -22.28 -5.16 -6.34
CA ARG C 8 -22.78 -5.49 -7.69
C ARG C 8 -21.75 -5.02 -8.69
N VAL C 9 -21.75 -5.61 -9.88
CA VAL C 9 -20.92 -5.08 -10.98
C VAL C 9 -21.82 -4.77 -12.17
N LYS C 10 -21.50 -3.67 -12.87
CA LYS C 10 -22.17 -3.27 -14.11
C LYS C 10 -21.14 -2.94 -15.19
N ARG C 11 -21.41 -3.44 -16.40
CA ARG C 11 -20.63 -3.14 -17.63
C ARG C 11 -21.30 -1.92 -18.27
N MET C 12 -20.78 -0.73 -17.98
CA MET C 12 -21.53 0.52 -18.19
C MET C 12 -20.62 1.70 -17.84
N ASP C 13 -20.85 2.82 -18.49
CA ASP C 13 -20.15 4.10 -18.25
C ASP C 13 -20.46 4.57 -16.82
N ILE C 14 -19.42 4.79 -16.01
CA ILE C 14 -19.58 5.13 -14.58
C ILE C 14 -20.20 6.53 -14.52
N ALA C 15 -20.05 7.29 -15.62
CA ALA C 15 -20.56 8.67 -15.71
C ALA C 15 -22.10 8.66 -15.73
N LYS C 16 -22.69 7.49 -15.96
N LYS C 16 -22.72 7.50 -15.98
CA LYS C 16 -24.17 7.27 -16.03
CA LYS C 16 -24.20 7.35 -15.98
C LYS C 16 -24.64 6.40 -14.85
C LYS C 16 -24.63 6.40 -14.87
N ASN C 17 -23.87 6.35 -13.77
CA ASN C 17 -24.20 5.48 -12.62
C ASN C 17 -25.54 5.91 -11.98
N ASP C 18 -26.08 4.98 -11.20
CA ASP C 18 -27.37 5.09 -10.48
C ASP C 18 -27.15 5.16 -8.96
N GLU C 19 -25.96 5.58 -8.49
CA GLU C 19 -25.63 5.63 -7.05
C GLU C 19 -25.55 7.07 -6.53
N GLU C 20 -25.45 7.17 -5.22
CA GLU C 20 -25.49 8.50 -4.50
C GLU C 20 -24.20 9.28 -4.65
N CYS C 21 -23.11 8.64 -5.06
CA CYS C 21 -21.82 9.31 -5.29
C CYS C 21 -20.96 8.45 -6.21
N VAL C 22 -19.87 9.03 -6.70
CA VAL C 22 -18.99 8.35 -7.68
C VAL C 22 -17.54 8.48 -7.21
N VAL C 23 -16.78 7.42 -7.45
CA VAL C 23 -15.31 7.44 -7.27
C VAL C 23 -14.70 7.69 -8.64
N ASN C 24 -13.89 8.74 -8.74
CA ASN C 24 -13.12 9.05 -9.96
C ASN C 24 -11.75 8.35 -9.84
N ALA C 25 -11.30 7.71 -10.91
CA ALA C 25 -9.91 7.19 -11.02
C ALA C 25 -9.08 8.40 -11.41
N ALA C 26 -8.73 9.20 -10.40
CA ALA C 26 -8.18 10.56 -10.53
C ALA C 26 -6.65 10.53 -10.67
N ASN C 27 -6.10 11.62 -11.20
CA ASN C 27 -4.63 11.80 -11.31
C ASN C 27 -4.26 12.82 -10.24
N PRO C 28 -3.01 12.82 -9.74
CA PRO C 28 -2.65 13.63 -8.57
C PRO C 28 -2.78 15.16 -8.75
N ARG C 29 -2.84 15.66 -9.98
CA ARG C 29 -2.89 17.12 -10.28
C ARG C 29 -4.35 17.57 -10.53
N GLY C 30 -5.29 16.63 -10.59
CA GLY C 30 -6.72 16.97 -10.71
C GLY C 30 -7.08 17.44 -12.11
N LEU C 31 -6.43 16.86 -13.11
CA LEU C 31 -6.60 17.19 -14.55
C LEU C 31 -7.65 16.26 -15.16
N PRO C 32 -8.33 16.68 -16.25
CA PRO C 32 -9.28 15.81 -16.94
C PRO C 32 -8.76 14.39 -17.22
N GLY C 33 -7.45 14.22 -17.39
CA GLY C 33 -6.81 12.90 -17.49
C GLY C 33 -7.36 12.17 -18.69
N ASP C 34 -7.38 10.84 -18.66
CA ASP C 34 -7.92 9.97 -19.75
C ASP C 34 -8.79 8.87 -19.13
N GLY C 35 -9.41 8.06 -19.98
CA GLY C 35 -10.30 6.96 -19.56
C GLY C 35 -11.42 7.46 -18.67
N VAL C 36 -11.64 6.81 -17.52
CA VAL C 36 -12.80 7.11 -16.62
C VAL C 36 -12.66 8.53 -16.10
N CYS C 37 -11.43 8.99 -15.85
CA CYS C 37 -11.13 10.34 -15.33
C CYS C 37 -11.67 11.39 -16.30
N LYS C 38 -11.57 11.18 -17.62
CA LYS C 38 -12.06 12.11 -18.69
C LYS C 38 -13.61 12.09 -18.76
N ALA C 39 -14.20 10.90 -18.82
CA ALA C 39 -15.67 10.68 -18.77
C ALA C 39 -16.27 11.35 -17.52
N VAL C 40 -15.57 11.27 -16.38
CA VAL C 40 -15.98 11.88 -15.09
C VAL C 40 -15.82 13.40 -15.24
N TYR C 41 -14.74 13.87 -15.84
CA TYR C 41 -14.51 15.33 -16.03
C TYR C 41 -15.65 15.91 -16.90
N LYS C 42 -16.07 15.18 -17.92
CA LYS C 42 -17.11 15.64 -18.88
C LYS C 42 -18.48 15.67 -18.16
N LYS C 43 -18.75 14.73 -17.24
CA LYS C 43 -20.04 14.68 -16.51
C LYS C 43 -20.07 15.69 -15.36
N TRP C 44 -19.00 15.74 -14.57
CA TRP C 44 -18.92 16.53 -13.32
C TRP C 44 -17.72 17.46 -13.35
N PRO C 45 -17.58 18.37 -14.34
CA PRO C 45 -16.40 19.22 -14.41
C PRO C 45 -16.21 20.08 -13.15
N GLU C 46 -17.29 20.57 -12.55
CA GLU C 46 -17.21 21.42 -11.34
C GLU C 46 -16.47 20.69 -10.21
N SER C 47 -16.51 19.36 -10.16
CA SER C 47 -15.90 18.57 -9.06
C SER C 47 -14.37 18.61 -9.14
N PHE C 48 -13.81 19.16 -10.22
CA PHE C 48 -12.35 19.21 -10.44
C PHE C 48 -11.70 20.47 -9.85
N LYS C 49 -12.54 21.37 -9.33
CA LYS C 49 -12.14 22.60 -8.59
C LYS C 49 -11.29 22.19 -7.37
N ASN C 50 -9.96 22.28 -7.51
CA ASN C 50 -8.99 22.05 -6.40
C ASN C 50 -9.10 20.61 -5.91
N SER C 51 -9.32 19.66 -6.83
CA SER C 51 -9.43 18.20 -6.55
C SER C 51 -8.04 17.58 -6.37
N ALA C 52 -6.99 18.24 -6.89
CA ALA C 52 -5.61 17.70 -6.85
C ALA C 52 -5.39 17.05 -5.49
N THR C 53 -4.88 15.82 -5.46
CA THR C 53 -4.58 15.08 -4.20
C THR C 53 -3.52 14.02 -4.52
N PRO C 54 -2.65 13.65 -3.56
CA PRO C 54 -1.54 12.74 -3.86
C PRO C 54 -1.90 11.27 -4.13
N VAL C 55 -1.03 10.57 -4.86
CA VAL C 55 -1.09 9.08 -4.97
C VAL C 55 -1.36 8.50 -3.57
N GLY C 56 -2.30 7.55 -3.47
CA GLY C 56 -2.62 6.88 -2.19
C GLY C 56 -3.70 7.54 -1.36
N THR C 57 -4.26 8.65 -1.85
CA THR C 57 -5.27 9.45 -1.14
C THR C 57 -6.55 9.57 -1.97
N ALA C 58 -7.61 10.03 -1.30
CA ALA C 58 -8.89 10.38 -1.95
C ALA C 58 -9.34 11.74 -1.44
N LYS C 59 -9.92 12.54 -2.32
CA LYS C 59 -10.44 13.88 -1.96
C LYS C 59 -11.81 14.03 -2.63
N THR C 60 -12.80 14.36 -1.82
CA THR C 60 -14.18 14.54 -2.30
C THR C 60 -14.42 16.01 -2.67
N VAL C 61 -14.91 16.23 -3.87
CA VAL C 61 -15.45 17.56 -4.29
C VAL C 61 -16.87 17.39 -4.82
N MET C 62 -17.76 18.27 -4.37
CA MET C 62 -19.16 18.29 -4.84
C MET C 62 -19.26 18.88 -6.23
N CYS C 63 -20.14 18.30 -7.03
CA CYS C 63 -20.66 18.87 -8.29
C CYS C 63 -22.16 19.12 -8.03
N GLY C 64 -22.50 20.37 -7.72
CA GLY C 64 -23.80 20.65 -7.07
C GLY C 64 -23.83 20.07 -5.68
N THR C 65 -24.69 19.07 -5.41
CA THR C 65 -24.66 18.29 -4.15
C THR C 65 -24.15 16.86 -4.41
N TYR C 66 -23.72 16.55 -5.63
CA TYR C 66 -23.39 15.15 -6.02
C TYR C 66 -21.90 14.91 -5.73
N PRO C 67 -21.52 14.08 -4.73
CA PRO C 67 -20.12 13.94 -4.36
C PRO C 67 -19.33 13.14 -5.40
N VAL C 68 -18.17 13.69 -5.77
CA VAL C 68 -17.16 13.03 -6.62
C VAL C 68 -15.93 12.79 -5.75
N ILE C 69 -15.65 11.51 -5.48
CA ILE C 69 -14.52 11.09 -4.60
C ILE C 69 -13.32 10.81 -5.50
N HIS C 70 -12.38 11.75 -5.59
CA HIS C 70 -11.22 11.62 -6.50
C HIS C 70 -10.18 10.75 -5.80
N ALA C 71 -10.00 9.53 -6.29
CA ALA C 71 -9.11 8.52 -5.65
C ALA C 71 -7.91 8.29 -6.58
N VAL C 72 -6.72 8.56 -6.04
CA VAL C 72 -5.48 8.50 -6.86
C VAL C 72 -4.74 7.20 -6.52
N GLY C 73 -4.90 6.20 -7.37
CA GLY C 73 -4.11 4.97 -7.33
C GLY C 73 -2.71 5.24 -7.87
N PRO C 74 -1.75 4.36 -7.55
CA PRO C 74 -0.44 4.46 -8.15
C PRO C 74 -0.50 4.08 -9.63
N ASN C 75 0.37 4.70 -10.40
CA ASN C 75 0.70 4.31 -11.78
C ASN C 75 1.83 3.28 -11.71
N PHE C 76 1.56 2.04 -12.09
CA PHE C 76 2.55 0.93 -11.96
C PHE C 76 3.68 1.01 -13.01
N SER C 77 3.62 1.95 -13.96
CA SER C 77 4.76 2.24 -14.87
C SER C 77 5.85 2.97 -14.07
N ASN C 78 5.47 3.55 -12.93
CA ASN C 78 6.27 4.51 -12.12
C ASN C 78 6.53 3.97 -10.71
N TYR C 79 5.97 2.81 -10.40
CA TYR C 79 5.95 2.25 -9.02
C TYR C 79 6.40 0.81 -9.13
N THR C 80 7.17 0.34 -8.16
CA THR C 80 7.49 -1.10 -8.09
C THR C 80 6.22 -1.84 -7.70
N GLU C 81 6.19 -3.16 -7.89
CA GLU C 81 5.05 -3.97 -7.44
C GLU C 81 4.85 -3.81 -5.94
N SER C 82 5.94 -3.79 -5.17
CA SER C 82 5.87 -3.67 -3.71
C SER C 82 5.26 -2.33 -3.30
N GLU C 83 5.83 -1.23 -3.78
CA GLU C 83 5.40 0.12 -3.35
C GLU C 83 4.00 0.39 -3.91
N GLY C 84 3.75 -0.04 -5.14
CA GLY C 84 2.45 0.21 -5.75
C GLY C 84 1.36 -0.53 -5.00
N ASP C 85 1.61 -1.77 -4.59
CA ASP C 85 0.59 -2.58 -3.89
C ASP C 85 0.16 -1.85 -2.63
N ARG C 86 1.11 -1.25 -1.93
CA ARG C 86 0.78 -0.47 -0.71
C ARG C 86 -0.06 0.79 -1.05
N GLU C 87 0.29 1.53 -2.09
CA GLU C 87 -0.40 2.80 -2.43
C GLU C 87 -1.81 2.45 -2.92
N LEU C 88 -1.99 1.31 -3.59
CA LEU C 88 -3.32 0.94 -4.16
C LEU C 88 -4.21 0.64 -2.96
N ALA C 89 -3.68 -0.11 -2.00
CA ALA C 89 -4.46 -0.44 -0.79
C ALA C 89 -4.91 0.84 -0.10
N ALA C 90 -4.01 1.80 0.05
CA ALA C 90 -4.22 3.07 0.79
C ALA C 90 -5.30 3.89 0.08
N ALA C 91 -5.25 3.97 -1.26
CA ALA C 91 -6.22 4.73 -2.07
C ALA C 91 -7.60 4.16 -1.74
N TYR C 92 -7.76 2.84 -1.75
CA TYR C 92 -9.08 2.26 -1.40
C TYR C 92 -9.52 2.52 0.04
N ARG C 93 -8.60 2.45 1.00
N ARG C 93 -8.60 2.49 1.00
CA ARG C 93 -8.89 2.77 2.42
CA ARG C 93 -8.92 2.77 2.43
C ARG C 93 -9.40 4.21 2.52
C ARG C 93 -9.36 4.23 2.56
N GLU C 94 -8.81 5.14 1.76
CA GLU C 94 -9.27 6.56 1.76
C GLU C 94 -10.64 6.65 1.11
N VAL C 95 -10.95 5.84 0.10
CA VAL C 95 -12.32 5.84 -0.51
C VAL C 95 -13.30 5.40 0.59
N ALA C 96 -12.99 4.39 1.39
CA ALA C 96 -13.90 3.86 2.42
C ALA C 96 -14.18 4.93 3.44
N LYS C 97 -13.14 5.68 3.83
CA LYS C 97 -13.28 6.82 4.76
C LYS C 97 -14.22 7.86 4.13
N GLU C 98 -13.99 8.22 2.88
CA GLU C 98 -14.80 9.30 2.24
C GLU C 98 -16.25 8.88 2.13
N VAL C 99 -16.51 7.65 1.68
CA VAL C 99 -17.90 7.12 1.58
C VAL C 99 -18.56 7.20 2.96
N THR C 100 -17.86 6.77 4.02
CA THR C 100 -18.41 6.72 5.40
C THR C 100 -18.72 8.16 5.84
N ARG C 101 -17.78 9.07 5.60
CA ARG C 101 -17.91 10.49 5.99
C ARG C 101 -19.15 11.07 5.34
N LEU C 102 -19.39 10.79 4.06
CA LEU C 102 -20.51 11.37 3.29
C LEU C 102 -21.87 10.83 3.79
N GLY C 103 -21.93 9.66 4.43
CA GLY C 103 -23.20 9.07 4.90
C GLY C 103 -24.05 8.53 3.76
N VAL C 104 -23.50 8.37 2.55
CA VAL C 104 -24.22 7.80 1.37
C VAL C 104 -24.64 6.33 1.60
N ASN C 105 -25.71 5.89 0.93
CA ASN C 105 -26.16 4.49 1.00
C ASN C 105 -25.61 3.71 -0.18
N SER C 106 -24.97 4.35 -1.14
CA SER C 106 -24.48 3.68 -2.36
C SER C 106 -23.36 4.50 -2.95
N VAL C 107 -22.48 3.83 -3.67
CA VAL C 107 -21.27 4.40 -4.29
C VAL C 107 -20.97 3.61 -5.56
N ALA C 108 -20.64 4.34 -6.63
CA ALA C 108 -20.17 3.80 -7.93
C ALA C 108 -18.65 3.89 -7.93
N ILE C 109 -17.99 2.75 -8.14
N ILE C 109 -17.98 2.78 -8.22
CA ILE C 109 -16.50 2.62 -8.03
CA ILE C 109 -16.50 2.69 -8.06
C ILE C 109 -15.95 1.97 -9.30
C ILE C 109 -15.91 1.93 -9.24
N PRO C 110 -14.82 2.47 -9.84
CA PRO C 110 -14.06 1.75 -10.85
C PRO C 110 -12.90 1.00 -10.18
N LEU C 111 -12.32 0.04 -10.88
CA LEU C 111 -11.11 -0.64 -10.33
C LEU C 111 -9.90 0.26 -10.59
N LEU C 112 -9.34 0.74 -9.50
CA LEU C 112 -8.20 1.68 -9.52
C LEU C 112 -6.97 0.95 -10.06
N SER C 113 -6.11 1.71 -10.73
CA SER C 113 -4.79 1.23 -11.23
C SER C 113 -4.97 0.10 -12.24
N THR C 114 -6.10 -0.01 -12.95
CA THR C 114 -6.30 -1.10 -13.95
C THR C 114 -6.27 -0.59 -15.41
N GLY C 115 -6.22 0.73 -15.61
CA GLY C 115 -6.26 1.30 -16.97
C GLY C 115 -4.89 1.78 -17.40
N VAL C 116 -4.75 3.09 -17.58
CA VAL C 116 -3.48 3.74 -18.02
C VAL C 116 -2.45 3.66 -16.89
N TYR C 117 -2.87 3.42 -15.65
CA TYR C 117 -2.00 3.30 -14.44
C TYR C 117 -1.61 1.82 -14.20
N SER C 118 -2.03 0.89 -15.06
CA SER C 118 -1.81 -0.57 -14.86
C SER C 118 -0.36 -1.04 -15.08
N GLY C 119 0.46 -0.21 -15.72
CA GLY C 119 1.82 -0.61 -16.16
C GLY C 119 1.78 -1.79 -17.11
N GLY C 120 0.69 -1.96 -17.84
CA GLY C 120 0.52 -3.03 -18.86
C GLY C 120 0.22 -4.39 -18.27
N LYS C 121 -0.09 -4.51 -16.97
CA LYS C 121 -0.42 -5.81 -16.33
C LYS C 121 -1.93 -5.88 -16.12
N ASP C 122 -2.48 -7.09 -16.13
CA ASP C 122 -3.87 -7.39 -15.70
C ASP C 122 -3.91 -7.28 -14.17
N ARG C 123 -4.60 -6.26 -13.64
CA ARG C 123 -4.69 -6.04 -12.17
C ARG C 123 -6.13 -6.20 -11.66
N LEU C 124 -6.99 -6.94 -12.34
CA LEU C 124 -8.38 -7.10 -11.88
C LEU C 124 -8.40 -7.66 -10.45
N THR C 125 -7.76 -8.81 -10.23
CA THR C 125 -7.80 -9.52 -8.94
C THR C 125 -7.16 -8.64 -7.87
N GLN C 126 -6.00 -8.08 -8.16
CA GLN C 126 -5.28 -7.24 -7.18
C GLN C 126 -6.17 -6.05 -6.77
N SER C 127 -6.63 -5.30 -7.78
CA SER C 127 -7.45 -4.09 -7.53
C SER C 127 -8.71 -4.48 -6.76
N LEU C 128 -9.40 -5.52 -7.22
CA LEU C 128 -10.67 -5.95 -6.59
C LEU C 128 -10.41 -6.42 -5.16
N ASN C 129 -9.29 -7.09 -4.92
CA ASN C 129 -8.98 -7.54 -3.54
C ASN C 129 -8.83 -6.31 -2.63
N HIS C 130 -8.13 -5.27 -3.07
CA HIS C 130 -7.93 -4.07 -2.25
C HIS C 130 -9.27 -3.35 -2.04
N LEU C 131 -10.15 -3.39 -3.03
CA LEU C 131 -11.49 -2.76 -2.94
C LEU C 131 -12.26 -3.43 -1.82
N PHE C 132 -12.36 -4.76 -1.85
CA PHE C 132 -13.08 -5.53 -0.80
C PHE C 132 -12.44 -5.28 0.57
N THR C 133 -11.11 -5.29 0.67
CA THR C 133 -10.41 -5.09 1.96
C THR C 133 -10.88 -3.77 2.59
N ALA C 134 -11.01 -2.71 1.79
CA ALA C 134 -11.37 -1.34 2.25
C ALA C 134 -12.91 -1.26 2.43
N MET C 135 -13.68 -1.79 1.49
CA MET C 135 -15.15 -1.54 1.47
C MET C 135 -15.95 -2.55 2.29
N ASP C 136 -15.38 -3.69 2.71
CA ASP C 136 -16.21 -4.71 3.39
C ASP C 136 -16.79 -4.17 4.69
N SER C 137 -16.09 -3.29 5.41
CA SER C 137 -16.52 -2.79 6.74
C SER C 137 -17.49 -1.60 6.58
N THR C 138 -17.74 -1.14 5.37
CA THR C 138 -18.76 -0.09 5.07
C THR C 138 -20.14 -0.69 4.84
N ASP C 139 -21.18 0.11 5.04
CA ASP C 139 -22.58 -0.37 4.87
C ASP C 139 -23.20 0.25 3.62
N ALA C 140 -22.41 0.84 2.71
CA ALA C 140 -22.95 1.36 1.45
C ALA C 140 -23.11 0.22 0.47
N ASP C 141 -24.13 0.28 -0.37
CA ASP C 141 -24.20 -0.54 -1.59
C ASP C 141 -23.06 -0.10 -2.50
N VAL C 142 -22.23 -1.04 -2.93
CA VAL C 142 -21.07 -0.72 -3.78
C VAL C 142 -21.38 -1.30 -5.14
N VAL C 143 -21.27 -0.49 -6.18
CA VAL C 143 -21.54 -0.91 -7.57
C VAL C 143 -20.27 -0.66 -8.35
N ILE C 144 -19.64 -1.72 -8.83
CA ILE C 144 -18.36 -1.62 -9.55
C ILE C 144 -18.66 -1.47 -11.04
N TYR C 145 -18.07 -0.47 -11.68
CA TYR C 145 -18.28 -0.23 -13.13
C TYR C 145 -17.09 -0.76 -13.91
N CYS C 146 -17.35 -1.48 -15.01
CA CYS C 146 -16.29 -1.95 -15.94
C CYS C 146 -16.77 -1.79 -17.39
N ARG C 147 -15.86 -1.96 -18.36
CA ARG C 147 -16.12 -1.79 -19.82
C ARG C 147 -16.07 -3.13 -20.58
N ASP C 148 -15.21 -4.06 -20.16
CA ASP C 148 -14.99 -5.37 -20.86
C ASP C 148 -15.94 -6.43 -20.29
N LYS C 149 -16.42 -7.32 -21.16
CA LYS C 149 -17.42 -8.36 -20.83
C LYS C 149 -16.76 -9.46 -19.98
N GLU C 150 -15.48 -9.74 -20.22
CA GLU C 150 -14.73 -10.78 -19.45
C GLU C 150 -14.44 -10.26 -18.04
N TRP C 151 -14.10 -8.97 -17.90
CA TRP C 151 -13.90 -8.36 -16.55
C TRP C 151 -15.20 -8.44 -15.78
N GLU C 152 -16.33 -8.12 -16.46
CA GLU C 152 -17.64 -8.17 -15.80
C GLU C 152 -17.86 -9.58 -15.24
N LYS C 153 -17.53 -10.63 -16.00
CA LYS C 153 -17.75 -12.03 -15.56
C LYS C 153 -16.84 -12.36 -14.37
N LYS C 154 -15.56 -12.02 -14.45
CA LYS C 154 -14.57 -12.31 -13.37
C LYS C 154 -14.97 -11.56 -12.10
N ILE C 155 -15.34 -10.27 -12.20
CA ILE C 155 -15.77 -9.51 -10.99
C ILE C 155 -17.04 -10.14 -10.41
N SER C 156 -18.00 -10.46 -11.27
CA SER C 156 -19.27 -11.07 -10.84
C SER C 156 -18.99 -12.36 -10.08
N GLU C 157 -18.08 -13.23 -10.59
CA GLU C 157 -17.74 -14.52 -9.93
C GLU C 157 -17.11 -14.28 -8.56
N ALA C 158 -16.22 -13.31 -8.47
CA ALA C 158 -15.52 -12.94 -7.22
C ALA C 158 -16.54 -12.52 -6.17
N ILE C 159 -17.54 -11.73 -6.55
CA ILE C 159 -18.58 -11.23 -5.61
C ILE C 159 -19.39 -12.43 -5.16
N GLN C 160 -19.81 -13.26 -6.12
CA GLN C 160 -20.70 -14.41 -5.87
C GLN C 160 -19.96 -15.42 -4.99
N MET C 161 -18.67 -15.66 -5.22
CA MET C 161 -17.84 -16.61 -4.42
C MET C 161 -18.11 -16.42 -2.92
N ARG C 162 -18.27 -15.18 -2.45
CA ARG C 162 -18.24 -14.84 -0.99
C ARG C 162 -19.65 -14.76 -0.40
N THR C 163 -20.72 -14.74 -1.21
CA THR C 163 -22.12 -14.61 -0.72
C THR C 163 -22.55 -15.97 -0.15
N PRO D 5 -30.08 -6.08 35.57
CA PRO D 5 -29.08 -6.90 34.88
C PRO D 5 -27.79 -7.07 35.69
N SER D 6 -27.30 -8.32 35.79
N SER D 6 -27.32 -8.32 35.83
CA SER D 6 -26.04 -8.72 36.47
CA SER D 6 -26.02 -8.68 36.49
C SER D 6 -24.93 -8.91 35.42
C SER D 6 -24.95 -8.87 35.42
N TYR D 7 -23.71 -8.47 35.73
CA TYR D 7 -22.58 -8.51 34.77
C TYR D 7 -21.49 -9.40 35.30
N ARG D 8 -20.94 -10.23 34.40
CA ARG D 8 -19.74 -11.05 34.64
C ARG D 8 -18.85 -10.96 33.41
N VAL D 9 -17.61 -11.41 33.56
CA VAL D 9 -16.64 -11.45 32.45
C VAL D 9 -16.02 -12.84 32.47
N LYS D 10 -15.81 -13.42 31.29
CA LYS D 10 -15.06 -14.69 31.15
C LYS D 10 -13.99 -14.44 30.09
N ARG D 11 -12.80 -15.01 30.31
CA ARG D 11 -11.70 -15.07 29.31
C ARG D 11 -11.78 -16.41 28.58
N MET D 12 -12.66 -16.52 27.59
CA MET D 12 -12.83 -17.75 26.78
C MET D 12 -13.46 -17.39 25.43
N ASP D 13 -13.48 -18.34 24.51
CA ASP D 13 -14.07 -18.17 23.17
C ASP D 13 -15.58 -18.01 23.35
N ILE D 14 -16.13 -16.89 22.89
CA ILE D 14 -17.60 -16.63 22.98
C ILE D 14 -18.37 -17.73 22.21
N ALA D 15 -17.74 -18.39 21.24
CA ALA D 15 -18.33 -19.50 20.46
C ALA D 15 -18.63 -20.67 21.42
N LYS D 16 -18.11 -20.63 22.64
CA LYS D 16 -18.31 -21.69 23.65
C LYS D 16 -19.05 -21.15 24.86
N ASN D 17 -19.89 -20.14 24.69
CA ASN D 17 -20.56 -19.48 25.82
C ASN D 17 -21.58 -20.42 26.47
N ASP D 18 -21.99 -20.09 27.69
CA ASP D 18 -22.93 -20.86 28.53
C ASP D 18 -24.19 -20.02 28.70
N GLU D 19 -24.48 -19.11 27.76
CA GLU D 19 -25.70 -18.26 27.85
C GLU D 19 -26.76 -18.64 26.80
N GLU D 20 -27.96 -18.08 26.95
CA GLU D 20 -29.14 -18.42 26.11
C GLU D 20 -29.03 -17.84 24.70
N CYS D 21 -28.20 -16.85 24.47
CA CYS D 21 -28.01 -16.27 23.13
C CYS D 21 -26.67 -15.56 23.06
N VAL D 22 -26.24 -15.23 21.85
CA VAL D 22 -24.90 -14.66 21.65
C VAL D 22 -25.07 -13.42 20.78
N VAL D 23 -24.23 -12.42 21.07
CA VAL D 23 -24.03 -11.24 20.20
C VAL D 23 -22.78 -11.46 19.35
N ASN D 24 -22.95 -11.41 18.06
CA ASN D 24 -21.84 -11.45 17.10
C ASN D 24 -21.31 -10.03 16.94
N ALA D 25 -20.00 -9.88 16.90
CA ALA D 25 -19.30 -8.66 16.44
C ALA D 25 -19.28 -8.73 14.92
N ALA D 26 -20.41 -8.37 14.30
CA ALA D 26 -20.69 -8.64 12.89
C ALA D 26 -20.10 -7.55 11.99
N ASN D 27 -19.90 -7.87 10.72
CA ASN D 27 -19.63 -6.86 9.66
C ASN D 27 -20.95 -6.59 8.97
N PRO D 28 -21.09 -5.42 8.30
CA PRO D 28 -22.37 -5.04 7.75
C PRO D 28 -22.86 -5.95 6.61
N ARG D 29 -21.97 -6.71 6.01
CA ARG D 29 -22.25 -7.51 4.79
C ARG D 29 -22.64 -8.94 5.13
N GLY D 30 -22.59 -9.33 6.41
CA GLY D 30 -22.86 -10.71 6.84
C GLY D 30 -21.81 -11.67 6.32
N LEU D 31 -20.58 -11.20 6.14
CA LEU D 31 -19.45 -12.07 5.72
C LEU D 31 -18.93 -12.82 6.93
N PRO D 32 -18.22 -13.95 6.74
CA PRO D 32 -17.58 -14.67 7.84
C PRO D 32 -16.63 -13.84 8.71
N GLY D 33 -15.87 -12.92 8.11
CA GLY D 33 -15.13 -11.91 8.85
C GLY D 33 -13.90 -12.46 9.51
N ASP D 34 -13.51 -11.83 10.63
CA ASP D 34 -12.27 -12.04 11.40
C ASP D 34 -12.59 -12.11 12.91
N GLY D 35 -11.67 -12.65 13.71
CA GLY D 35 -11.82 -12.64 15.17
C GLY D 35 -13.12 -13.28 15.60
N VAL D 36 -13.84 -12.58 16.48
CA VAL D 36 -15.13 -13.03 17.08
C VAL D 36 -16.03 -13.48 15.92
N CYS D 37 -16.09 -12.70 14.84
CA CYS D 37 -17.10 -12.91 13.79
C CYS D 37 -16.85 -14.28 13.15
N LYS D 38 -15.58 -14.61 12.91
CA LYS D 38 -15.22 -15.88 12.22
C LYS D 38 -15.49 -17.07 13.16
N ALA D 39 -15.32 -16.90 14.46
CA ALA D 39 -15.60 -17.97 15.46
C ALA D 39 -17.12 -18.25 15.48
N VAL D 40 -17.90 -17.18 15.43
CA VAL D 40 -19.38 -17.21 15.36
C VAL D 40 -19.79 -17.89 14.04
N TYR D 41 -19.12 -17.57 12.94
CA TYR D 41 -19.41 -18.20 11.63
C TYR D 41 -19.16 -19.72 11.68
N LYS D 42 -18.04 -20.13 12.29
CA LYS D 42 -17.65 -21.55 12.43
C LYS D 42 -18.67 -22.29 13.30
N LYS D 43 -19.16 -21.66 14.37
CA LYS D 43 -20.07 -22.30 15.36
C LYS D 43 -21.53 -22.29 14.90
N TRP D 44 -22.01 -21.18 14.34
CA TRP D 44 -23.44 -20.98 13.98
C TRP D 44 -23.53 -20.46 12.55
N PRO D 45 -22.98 -21.17 11.53
CA PRO D 45 -23.02 -20.67 10.16
C PRO D 45 -24.44 -20.37 9.63
N GLU D 46 -25.44 -21.15 10.07
CA GLU D 46 -26.85 -20.97 9.62
C GLU D 46 -27.37 -19.58 9.96
N SER D 47 -26.84 -18.99 11.04
CA SER D 47 -27.27 -17.65 11.53
C SER D 47 -26.81 -16.56 10.56
N PHE D 48 -26.00 -16.86 9.54
CA PHE D 48 -25.54 -15.81 8.59
C PHE D 48 -26.46 -15.69 7.37
N LYS D 49 -27.61 -16.37 7.39
CA LYS D 49 -28.63 -16.26 6.32
C LYS D 49 -29.30 -14.89 6.43
N ASN D 50 -29.04 -13.98 5.48
CA ASN D 50 -29.65 -12.63 5.50
C ASN D 50 -29.31 -11.92 6.83
N SER D 51 -28.06 -11.99 7.28
CA SER D 51 -27.61 -11.31 8.52
C SER D 51 -27.10 -9.90 8.22
N ALA D 52 -26.86 -9.56 6.95
CA ALA D 52 -26.36 -8.23 6.54
C ALA D 52 -27.29 -7.17 7.16
N THR D 53 -26.69 -6.13 7.71
CA THR D 53 -27.44 -5.08 8.44
C THR D 53 -26.50 -3.89 8.54
N PRO D 54 -27.03 -2.66 8.56
CA PRO D 54 -26.15 -1.51 8.55
C PRO D 54 -25.39 -1.31 9.86
N VAL D 55 -24.37 -0.47 9.77
CA VAL D 55 -23.62 -0.03 10.98
C VAL D 55 -24.60 0.56 11.99
N GLY D 56 -24.41 0.26 13.26
CA GLY D 56 -25.21 0.78 14.39
C GLY D 56 -26.53 0.06 14.59
N THR D 57 -26.71 -1.10 13.93
CA THR D 57 -27.92 -1.94 14.04
C THR D 57 -27.58 -3.34 14.53
N ALA D 58 -28.63 -4.02 15.00
CA ALA D 58 -28.54 -5.45 15.36
C ALA D 58 -29.62 -6.23 14.58
N LYS D 59 -29.26 -7.40 14.11
CA LYS D 59 -30.22 -8.27 13.39
C LYS D 59 -30.06 -9.68 13.93
N THR D 60 -31.16 -10.22 14.46
CA THR D 60 -31.15 -11.55 15.08
C THR D 60 -31.52 -12.60 14.04
N VAL D 61 -30.66 -13.61 13.91
CA VAL D 61 -30.95 -14.81 13.09
C VAL D 61 -30.75 -16.05 13.97
N MET D 62 -31.71 -16.98 13.91
CA MET D 62 -31.68 -18.22 14.70
C MET D 62 -30.73 -19.21 14.04
N CYS D 63 -29.97 -19.92 14.86
CA CYS D 63 -29.27 -21.15 14.46
C CYS D 63 -29.95 -22.29 15.23
N GLY D 64 -30.83 -23.03 14.58
CA GLY D 64 -31.78 -23.86 15.32
C GLY D 64 -32.74 -22.98 16.10
N THR D 65 -32.75 -23.09 17.43
CA THR D 65 -33.52 -22.19 18.31
C THR D 65 -32.56 -21.25 19.06
N TYR D 66 -31.27 -21.24 18.75
CA TYR D 66 -30.24 -20.45 19.45
C TYR D 66 -30.09 -19.10 18.72
N PRO D 67 -30.44 -17.98 19.37
CA PRO D 67 -30.39 -16.67 18.71
C PRO D 67 -28.96 -16.13 18.64
N VAL D 68 -28.60 -15.68 17.44
CA VAL D 68 -27.34 -14.98 17.17
C VAL D 68 -27.72 -13.55 16.81
N ILE D 69 -27.39 -12.61 17.68
CA ILE D 69 -27.72 -11.17 17.52
C ILE D 69 -26.51 -10.56 16.81
N HIS D 70 -26.61 -10.35 15.51
CA HIS D 70 -25.51 -9.77 14.71
C HIS D 70 -25.49 -8.26 14.97
N ALA D 71 -24.51 -7.78 15.73
CA ALA D 71 -24.43 -6.34 16.08
C ALA D 71 -23.26 -5.71 15.32
N VAL D 72 -23.54 -4.68 14.52
CA VAL D 72 -22.50 -4.08 13.62
C VAL D 72 -21.99 -2.79 14.27
N GLY D 73 -20.85 -2.88 14.91
CA GLY D 73 -20.18 -1.68 15.42
C GLY D 73 -19.48 -0.98 14.27
N PRO D 74 -19.16 0.33 14.44
CA PRO D 74 -18.44 1.04 13.42
C PRO D 74 -16.96 0.66 13.35
N ASN D 75 -16.40 0.67 12.15
CA ASN D 75 -14.96 0.59 11.92
C ASN D 75 -14.35 1.98 12.11
N PHE D 76 -13.63 2.17 13.21
CA PHE D 76 -12.98 3.49 13.51
C PHE D 76 -11.86 3.79 12.52
N SER D 77 -11.46 2.86 11.66
CA SER D 77 -10.64 3.20 10.48
C SER D 77 -11.43 4.09 9.49
N ASN D 78 -12.76 4.00 9.49
CA ASN D 78 -13.59 4.67 8.45
C ASN D 78 -14.27 5.89 9.05
N TYR D 79 -14.77 5.77 10.29
CA TYR D 79 -15.59 6.76 11.01
C TYR D 79 -14.64 7.69 11.76
N THR D 80 -15.04 8.94 11.91
CA THR D 80 -14.43 9.87 12.89
C THR D 80 -14.70 9.39 14.31
N GLU D 81 -13.89 9.84 15.27
CA GLU D 81 -14.18 9.57 16.70
C GLU D 81 -15.63 9.95 17.00
N SER D 82 -16.08 11.14 16.57
CA SER D 82 -17.45 11.63 16.88
C SER D 82 -18.53 10.71 16.29
N GLU D 83 -18.48 10.45 14.99
CA GLU D 83 -19.58 9.69 14.31
C GLU D 83 -19.51 8.22 14.81
N GLY D 84 -18.30 7.69 14.96
CA GLY D 84 -18.07 6.33 15.47
C GLY D 84 -18.66 6.19 16.86
N ASP D 85 -18.44 7.17 17.73
CA ASP D 85 -18.95 7.04 19.13
C ASP D 85 -20.47 6.87 19.14
N ARG D 86 -21.16 7.61 18.27
CA ARG D 86 -22.63 7.59 18.15
C ARG D 86 -23.08 6.21 17.63
N GLU D 87 -22.39 5.68 16.63
CA GLU D 87 -22.78 4.36 16.01
C GLU D 87 -22.50 3.22 16.99
N LEU D 88 -21.47 3.35 17.84
CA LEU D 88 -21.09 2.31 18.82
C LEU D 88 -22.17 2.31 19.89
N ALA D 89 -22.58 3.48 20.37
CA ALA D 89 -23.75 3.59 21.27
C ALA D 89 -24.97 2.95 20.62
N ALA D 90 -25.26 3.22 19.34
CA ALA D 90 -26.50 2.74 18.67
C ALA D 90 -26.48 1.21 18.56
N ALA D 91 -25.33 0.63 18.22
CA ALA D 91 -25.21 -0.86 18.05
C ALA D 91 -25.61 -1.52 19.37
N TYR D 92 -25.07 -1.04 20.49
CA TYR D 92 -25.40 -1.61 21.81
C TYR D 92 -26.85 -1.35 22.19
N ARG D 93 -27.41 -0.18 21.92
CA ARG D 93 -28.85 0.11 22.14
C ARG D 93 -29.70 -0.92 21.38
N GLU D 94 -29.35 -1.22 20.14
CA GLU D 94 -30.14 -2.17 19.33
C GLU D 94 -29.94 -3.59 19.86
N VAL D 95 -28.75 -3.95 20.33
CA VAL D 95 -28.55 -5.26 21.03
C VAL D 95 -29.49 -5.37 22.25
N ALA D 96 -29.55 -4.36 23.12
CA ALA D 96 -30.38 -4.39 24.35
C ALA D 96 -31.85 -4.59 23.96
N LYS D 97 -32.33 -3.90 22.91
CA LYS D 97 -33.72 -4.04 22.43
C LYS D 97 -33.97 -5.51 22.05
N GLU D 98 -33.06 -6.11 21.30
CA GLU D 98 -33.23 -7.52 20.83
C GLU D 98 -33.22 -8.46 22.04
N VAL D 99 -32.33 -8.26 23.00
CA VAL D 99 -32.25 -9.11 24.21
C VAL D 99 -33.59 -9.05 24.97
N THR D 100 -34.14 -7.85 25.18
CA THR D 100 -35.49 -7.69 25.81
C THR D 100 -36.53 -8.41 24.94
N ARG D 101 -36.54 -8.15 23.63
CA ARG D 101 -37.59 -8.71 22.72
C ARG D 101 -37.54 -10.24 22.76
N LEU D 102 -36.35 -10.85 22.85
CA LEU D 102 -36.20 -12.33 22.86
C LEU D 102 -36.61 -12.92 24.20
N GLY D 103 -36.65 -12.13 25.29
CA GLY D 103 -37.05 -12.59 26.62
C GLY D 103 -36.08 -13.59 27.20
N VAL D 104 -34.84 -13.58 26.74
CA VAL D 104 -33.79 -14.49 27.26
C VAL D 104 -33.43 -14.11 28.68
N ASN D 105 -32.87 -15.06 29.42
CA ASN D 105 -32.40 -14.88 30.80
C ASN D 105 -30.93 -14.44 30.78
N SER D 106 -30.21 -14.69 29.70
CA SER D 106 -28.76 -14.42 29.69
C SER D 106 -28.31 -14.17 28.27
N VAL D 107 -27.20 -13.44 28.15
CA VAL D 107 -26.61 -13.11 26.83
C VAL D 107 -25.10 -13.05 26.98
N ALA D 108 -24.40 -13.62 26.01
CA ALA D 108 -22.95 -13.61 25.81
C ALA D 108 -22.67 -12.46 24.85
N ILE D 109 -21.78 -11.53 25.23
N ILE D 109 -21.80 -11.51 25.25
CA ILE D 109 -21.53 -10.27 24.45
CA ILE D 109 -21.51 -10.29 24.47
C ILE D 109 -20.04 -9.99 24.39
C ILE D 109 -20.00 -10.06 24.38
N PRO D 110 -19.50 -9.67 23.19
CA PRO D 110 -18.12 -9.24 23.04
C PRO D 110 -18.11 -7.70 23.10
N LEU D 111 -16.93 -7.12 23.27
CA LEU D 111 -16.79 -5.64 23.26
C LEU D 111 -16.65 -5.19 21.81
N LEU D 112 -17.73 -4.60 21.29
CA LEU D 112 -17.83 -4.17 19.89
C LEU D 112 -16.76 -3.15 19.60
N SER D 113 -16.21 -3.21 18.40
CA SER D 113 -15.29 -2.20 17.83
C SER D 113 -13.95 -2.17 18.58
N THR D 114 -13.59 -3.21 19.35
CA THR D 114 -12.30 -3.28 20.10
C THR D 114 -11.22 -4.12 19.41
N GLY D 115 -11.57 -4.85 18.34
CA GLY D 115 -10.63 -5.62 17.54
C GLY D 115 -10.24 -4.94 16.26
N VAL D 116 -10.51 -5.59 15.12
CA VAL D 116 -10.17 -5.13 13.73
C VAL D 116 -10.82 -3.77 13.47
N TYR D 117 -11.91 -3.45 14.17
CA TYR D 117 -12.68 -2.18 13.95
C TYR D 117 -12.18 -1.08 14.91
N SER D 118 -11.09 -1.31 15.65
CA SER D 118 -10.66 -0.36 16.72
C SER D 118 -9.91 0.84 16.15
N GLY D 119 -9.52 0.80 14.88
CA GLY D 119 -8.69 1.84 14.24
C GLY D 119 -7.34 1.94 14.94
N GLY D 120 -6.83 0.81 15.45
CA GLY D 120 -5.51 0.74 16.11
C GLY D 120 -5.51 1.30 17.53
N LYS D 121 -6.66 1.64 18.09
CA LYS D 121 -6.77 2.28 19.42
C LYS D 121 -7.32 1.28 20.45
N ASP D 122 -6.91 1.42 21.71
CA ASP D 122 -7.47 0.66 22.86
C ASP D 122 -8.82 1.29 23.20
N ARG D 123 -9.90 0.55 22.94
CA ARG D 123 -11.29 1.05 23.09
C ARG D 123 -12.04 0.23 24.16
N LEU D 124 -11.33 -0.43 25.07
CA LEU D 124 -11.96 -1.24 26.14
C LEU D 124 -12.95 -0.38 26.93
N THR D 125 -12.51 0.77 27.48
CA THR D 125 -13.35 1.62 28.37
C THR D 125 -14.52 2.19 27.58
N GLN D 126 -14.27 2.66 26.38
CA GLN D 126 -15.30 3.28 25.51
C GLN D 126 -16.35 2.22 25.20
N SER D 127 -15.91 1.07 24.73
CA SER D 127 -16.86 -0.02 24.34
C SER D 127 -17.66 -0.49 25.56
N LEU D 128 -16.98 -0.78 26.68
CA LEU D 128 -17.62 -1.24 27.93
C LEU D 128 -18.60 -0.21 28.45
N ASN D 129 -18.32 1.10 28.35
CA ASN D 129 -19.25 2.15 28.82
C ASN D 129 -20.55 2.16 28.01
N HIS D 130 -20.51 2.05 26.68
CA HIS D 130 -21.74 1.96 25.85
C HIS D 130 -22.48 0.64 26.17
N LEU D 131 -21.75 -0.45 26.39
CA LEU D 131 -22.35 -1.78 26.76
C LEU D 131 -23.18 -1.60 28.04
N PHE D 132 -22.59 -1.03 29.11
CA PHE D 132 -23.30 -0.88 30.42
C PHE D 132 -24.55 -0.02 30.19
N THR D 133 -24.40 1.09 29.49
CA THR D 133 -25.50 2.06 29.30
C THR D 133 -26.66 1.39 28.62
N ALA D 134 -26.41 0.63 27.56
CA ALA D 134 -27.48 -0.09 26.83
C ALA D 134 -28.05 -1.21 27.70
N MET D 135 -27.18 -2.05 28.25
CA MET D 135 -27.65 -3.34 28.80
C MET D 135 -28.25 -3.12 30.18
N ASP D 136 -27.98 -1.97 30.85
CA ASP D 136 -28.62 -1.65 32.15
C ASP D 136 -30.14 -1.62 32.00
N SER D 137 -30.66 -1.38 30.79
CA SER D 137 -32.11 -1.30 30.49
C SER D 137 -32.77 -2.68 30.36
N THR D 138 -31.98 -3.77 30.36
CA THR D 138 -32.46 -5.17 30.31
C THR D 138 -32.45 -5.78 31.71
N ASP D 139 -33.08 -6.94 31.90
CA ASP D 139 -33.03 -7.68 33.19
C ASP D 139 -32.28 -9.01 33.00
N ALA D 140 -31.54 -9.16 31.89
CA ALA D 140 -30.78 -10.38 31.57
C ALA D 140 -29.47 -10.38 32.35
N ASP D 141 -28.99 -11.57 32.68
CA ASP D 141 -27.57 -11.79 33.04
C ASP D 141 -26.74 -11.54 31.79
N VAL D 142 -25.75 -10.68 31.90
CA VAL D 142 -24.85 -10.33 30.78
C VAL D 142 -23.49 -10.91 31.09
N VAL D 143 -22.94 -11.69 30.18
CA VAL D 143 -21.57 -12.27 30.34
C VAL D 143 -20.71 -11.73 29.19
N ILE D 144 -19.71 -10.92 29.54
CA ILE D 144 -18.80 -10.30 28.57
C ILE D 144 -17.65 -11.26 28.34
N TYR D 145 -17.30 -11.51 27.07
CA TYR D 145 -16.23 -12.45 26.67
C TYR D 145 -15.04 -11.64 26.12
N CYS D 146 -13.84 -11.92 26.63
CA CYS D 146 -12.55 -11.35 26.17
C CYS D 146 -11.55 -12.49 26.07
N ARG D 147 -10.39 -12.24 25.46
CA ARG D 147 -9.31 -13.23 25.28
C ARG D 147 -8.13 -12.90 26.20
N ASP D 148 -7.87 -11.61 26.44
CA ASP D 148 -6.65 -11.12 27.14
C ASP D 148 -6.89 -11.03 28.65
N LYS D 149 -5.87 -11.37 29.43
CA LYS D 149 -5.94 -11.35 30.92
C LYS D 149 -5.99 -9.91 31.45
N GLU D 150 -5.22 -8.99 30.88
CA GLU D 150 -5.24 -7.57 31.31
C GLU D 150 -6.67 -7.05 31.09
N TRP D 151 -7.27 -7.41 29.95
CA TRP D 151 -8.64 -6.97 29.56
C TRP D 151 -9.65 -7.58 30.52
N GLU D 152 -9.53 -8.89 30.80
CA GLU D 152 -10.35 -9.60 31.83
C GLU D 152 -10.29 -8.79 33.13
N LYS D 153 -9.10 -8.41 33.57
CA LYS D 153 -8.93 -7.76 34.90
C LYS D 153 -9.65 -6.40 34.89
N LYS D 154 -9.41 -5.60 33.85
CA LYS D 154 -9.93 -4.23 33.65
C LYS D 154 -11.46 -4.29 33.52
N ILE D 155 -12.00 -5.26 32.76
CA ILE D 155 -13.47 -5.46 32.64
C ILE D 155 -14.00 -5.81 34.03
N SER D 156 -13.37 -6.78 34.69
CA SER D 156 -13.77 -7.18 36.07
C SER D 156 -13.76 -5.97 36.99
N GLU D 157 -12.67 -5.20 36.98
CA GLU D 157 -12.54 -4.01 37.85
C GLU D 157 -13.66 -3.03 37.53
N ALA D 158 -13.94 -2.80 36.25
CA ALA D 158 -15.01 -1.88 35.80
C ALA D 158 -16.38 -2.34 36.34
N ILE D 159 -16.66 -3.63 36.31
CA ILE D 159 -17.94 -4.19 36.83
C ILE D 159 -18.01 -3.93 38.35
N GLN D 160 -16.94 -4.24 39.07
CA GLN D 160 -16.87 -4.12 40.55
C GLN D 160 -17.14 -2.66 40.94
N MET D 161 -16.63 -1.71 40.16
CA MET D 161 -16.62 -0.27 40.55
C MET D 161 -18.00 0.39 40.40
N ARG D 162 -18.95 -0.21 39.66
CA ARG D 162 -20.29 0.41 39.43
C ARG D 162 -21.26 0.09 40.56
N THR D 163 -21.00 -1.01 41.26
CA THR D 163 -21.94 -1.65 42.22
C THR D 163 -21.89 -0.90 43.55
S DMS E . 7.19 1.41 4.96
O DMS E . 6.41 0.08 5.03
C1 DMS E . 8.75 1.05 4.27
C2 DMS E . 7.77 1.77 6.62
S DMS F . 29.21 -9.71 3.23
O DMS F . 28.33 -10.84 2.81
C1 DMS F . 29.99 -9.11 1.77
C2 DMS F . 30.65 -10.45 3.97
C TRS G . 13.95 -29.81 8.03
C1 TRS G . 14.13 -29.48 6.54
C2 TRS G . 12.60 -29.33 8.55
C3 TRS G . 14.09 -31.32 8.23
N TRS G . 15.04 -29.11 8.83
O1 TRS G . 15.41 -29.86 6.03
O2 TRS G . 11.51 -29.95 7.87
O3 TRS G . 14.27 -31.66 9.60
S DMS H . 0.01 -18.07 0.65
O DMS H . 0.75 -17.66 -0.62
C1 DMS H . 0.48 -16.94 1.90
C2 DMS H . 0.89 -19.47 1.30
S DMS I . 24.62 -8.97 -13.29
O DMS I . 23.24 -8.45 -13.49
C1 DMS I . 25.69 -7.59 -13.69
C2 DMS I . 24.99 -10.10 -14.61
CL CL J . 22.43 -14.82 6.99
CL CL K . 26.84 -8.80 0.41
CL CL L . 20.09 0.87 -1.09
OAA BAQ M . 17.67 -12.36 11.37
CAF BAQ M . 18.25 -12.93 10.45
CAD BAQ M . 18.17 -14.40 10.11
CAB BAQ M . 19.19 -14.59 9.00
CAC BAQ M . 19.47 -13.19 8.47
NAE BAQ M . 19.03 -12.33 9.55
S DMS N . 24.42 0.48 -2.45
O DMS N . 24.03 -0.66 -1.53
C1 DMS N . 22.91 1.30 -2.90
C2 DMS N . 25.11 1.75 -1.41
S DMS O . -1.72 -3.64 2.73
O DMS O . -0.98 -3.33 1.43
C1 DMS O . -1.52 -2.22 3.77
C2 DMS O . -0.69 -4.73 3.67
S DMS P . 12.23 26.74 -0.83
O DMS P . 12.33 26.19 -2.22
C1 DMS P . 10.91 27.92 -0.86
C2 DMS P . 13.58 27.87 -0.63
CL CL Q . 10.21 24.31 -3.64
CL CL R . 19.98 22.45 -3.96
OAA BAQ S . 22.28 16.45 -1.77
CAF BAQ S . 21.90 17.38 -2.48
CAD BAQ S . 22.74 18.11 -3.50
CAB BAQ S . 21.89 19.32 -3.87
CAC BAQ S . 20.47 18.98 -3.43
NAE BAQ S . 20.67 17.86 -2.50
OAA BAQ T . 16.56 19.46 -2.69
CAF BAQ T . 16.27 20.35 -3.48
CAD BAQ T . 15.07 21.25 -3.38
CAB BAQ T . 15.38 22.38 -4.36
CAC BAQ T . 16.45 21.82 -5.30
NAE BAQ T . 16.96 20.66 -4.57
CL CL U . -12.84 -3.09 -17.81
CL CL V . -6.14 3.61 -14.12
S DMS W . -22.87 17.22 -19.14
O DMS W . -22.06 17.32 -17.87
C1 DMS W . -23.22 15.51 -19.37
C2 DMS W . -21.73 17.42 -20.50
OAA BAQ X . -6.20 10.39 -15.86
CAF BAQ X . -6.38 9.31 -15.32
CAD BAQ X . -5.90 8.91 -13.95
CAB BAQ X . -6.23 7.43 -13.83
CAC BAQ X . -7.20 7.14 -14.96
NAE BAQ X . -7.02 8.28 -15.85
S DMS Y . -8.78 -3.73 -18.86
O DMS Y . -9.91 -4.58 -19.37
C1 DMS Y . -9.49 -2.20 -18.30
C2 DMS Y . -7.94 -3.10 -20.30
S DMS Z . -19.29 -26.83 15.03
O DMS Z . -18.65 -25.76 15.91
C1 DMS Z . -18.38 -26.83 13.49
C2 DMS Z . -20.83 -26.15 14.39
S DMS AA . -36.06 -13.54 14.78
O DMS AA . -35.73 -13.44 16.26
C1 DMS AA . -34.75 -14.43 14.01
C2 DMS AA . -35.74 -11.93 14.09
CL CL BA . -9.70 -9.17 24.52
CL CL CA . -14.04 -5.35 16.25
OAA BAQ DA . -15.51 -9.39 10.92
CAF BAQ DA . -15.58 -8.70 11.95
CAD BAQ DA . -16.44 -7.49 12.15
CAB BAQ DA . -15.95 -6.88 13.45
CAC BAQ DA . -15.18 -8.00 14.15
NAE BAQ DA . -14.89 -8.93 13.06
#